data_5E9H
#
_entry.id   5E9H
#
_cell.length_a   124.475
_cell.length_b   124.475
_cell.length_c   160.350
_cell.angle_alpha   90.00
_cell.angle_beta   90.00
_cell.angle_gamma   120.00
#
_symmetry.space_group_name_H-M   'P 32 2 1'
#
loop_
_entity.id
_entity.type
_entity.pdbx_description
1 polymer 'Isocitrate lyase'
2 non-polymer 'MANGANESE (II) ION'
3 non-polymer 'MALONATE ION'
4 water water
#
_entity_poly.entity_id   1
_entity_poly.type   'polypeptide(L)'
_entity_poly.pdbx_seq_one_letter_code
;MASQNMTNPSINPDIEDELFQKEVEAVKTWWSDSRWRQTKRPFTAEQIVSKRGYLPIDYASNTQAKKLWKILEHRFENRD
ASYTYGCLEPTMVTQMAKYLDTVYVSGWQSSSTASASDEPGPDLADYPYTTVPNKVGHLFMAQLFHDRKQRQERLSVPKE
QRANLLNIDYLRPIVADADTGHGGLTAVMKLTKLFIEKGAAGIHIEDQAPGTKKCGHMAGKVLVPIQEHINRLVAIRAQA
DIMGSDLLAIARTDAEAATLLSTNIDPRDHAFILGSTNSTLKPLNDLMIAAEATGKSGAELQRIEDEWLAKANLSSFDDA
VAAAIDAGSFSDKAGIKQEYTSRAKGKSNFEARAVARQLLGRDIFFDWDAPRTREGYFRLKGGCDCAVNRAIAYAPYCDA
IWMESKLPDFAQAEQFAQGVHAVWPEKKLAYNLSPSFNWKTAMPRDEQETYIRRLAKLGYCWQFITLAGLHTTALISDQF
AKAYSTVGMRAYGELVQEPEMDQKVDVVKHQKWSGATYVDELQKMVTGGISSTAAMGAGVTEDQFKLEHHHHHH
;
_entity_poly.pdbx_strand_id   A,B
#
# COMPACT_ATOMS: atom_id res chain seq x y z
N ILE A 11 16.73 31.49 -25.05
CA ILE A 11 16.77 32.83 -24.48
C ILE A 11 17.65 33.82 -25.25
N ASN A 12 17.08 34.99 -25.56
CA ASN A 12 17.80 36.08 -26.22
C ASN A 12 18.85 36.66 -25.31
N PRO A 13 20.06 36.90 -25.82
CA PRO A 13 21.07 37.52 -24.95
C PRO A 13 20.69 38.96 -24.68
N ASP A 14 21.56 39.91 -24.95
CA ASP A 14 21.22 41.33 -24.77
C ASP A 14 20.68 41.65 -23.36
N ILE A 15 19.68 40.87 -22.91
CA ILE A 15 19.22 40.94 -21.53
C ILE A 15 19.91 39.86 -20.65
N GLU A 16 19.48 38.60 -20.75
CA GLU A 16 20.09 37.43 -20.09
C GLU A 16 20.63 37.71 -18.68
N ASP A 17 21.58 38.64 -18.59
CA ASP A 17 22.07 39.10 -17.30
C ASP A 17 20.96 39.77 -16.50
N GLU A 18 20.08 40.49 -17.19
CA GLU A 18 19.00 41.20 -16.52
C GLU A 18 18.05 40.22 -15.87
N LEU A 19 17.71 39.16 -16.61
CA LEU A 19 16.84 38.13 -16.08
C LEU A 19 17.52 37.48 -14.89
N PHE A 20 18.82 37.22 -15.04
CA PHE A 20 19.58 36.59 -13.96
C PHE A 20 19.55 37.44 -12.69
N GLN A 21 19.74 38.74 -12.87
CA GLN A 21 19.95 39.64 -11.73
C GLN A 21 18.63 39.95 -11.03
N LYS A 22 17.53 40.01 -11.79
CA LYS A 22 16.19 40.14 -11.23
C LYS A 22 15.73 38.88 -10.48
N GLU A 23 16.05 37.69 -11.00
CA GLU A 23 15.75 36.44 -10.30
C GLU A 23 16.60 36.29 -9.02
N VAL A 24 17.86 36.71 -9.10
CA VAL A 24 18.73 36.70 -7.91
C VAL A 24 18.15 37.55 -6.80
N GLU A 25 17.69 38.76 -7.14
CA GLU A 25 17.07 39.64 -6.15
C GLU A 25 15.85 38.98 -5.50
N ALA A 26 15.06 38.29 -6.32
CA ALA A 26 13.85 37.61 -5.83
C ALA A 26 14.21 36.52 -4.81
N VAL A 27 15.34 35.85 -5.03
CA VAL A 27 15.77 34.80 -4.11
C VAL A 27 16.28 35.44 -2.81
N LYS A 28 17.05 36.51 -2.94
CA LYS A 28 17.54 37.23 -1.78
C LYS A 28 16.38 37.77 -0.93
N THR A 29 15.37 38.33 -1.60
CA THR A 29 14.18 38.78 -0.89
C THR A 29 13.52 37.62 -0.15
N TRP A 30 13.35 36.50 -0.85
CA TRP A 30 12.82 35.27 -0.27
C TRP A 30 13.60 34.84 0.98
N TRP A 31 14.93 34.77 0.85
CA TRP A 31 15.78 34.29 1.95
C TRP A 31 15.76 35.20 3.17
N SER A 32 15.28 36.42 3.00
CA SER A 32 15.16 37.35 4.12
C SER A 32 13.89 37.13 4.93
N ASP A 33 12.99 36.28 4.46
CA ASP A 33 11.77 35.96 5.19
C ASP A 33 12.10 35.27 6.49
N SER A 34 11.27 35.46 7.53
CA SER A 34 11.58 34.93 8.87
C SER A 34 11.62 33.40 8.93
N ARG A 35 11.11 32.76 7.87
CA ARG A 35 11.19 31.30 7.69
C ARG A 35 12.63 30.83 7.83
N TRP A 36 13.56 31.67 7.37
CA TRP A 36 14.96 31.32 7.27
C TRP A 36 15.85 31.89 8.39
N ARG A 37 15.25 32.48 9.42
CA ARG A 37 16.02 33.22 10.43
C ARG A 37 17.07 32.39 11.18
N GLN A 38 16.90 31.07 11.25
CA GLN A 38 17.89 30.20 11.88
C GLN A 38 18.74 29.41 10.86
N THR A 39 18.53 29.68 9.58
CA THR A 39 19.10 28.88 8.50
C THR A 39 20.45 29.42 7.98
N LYS A 40 21.48 28.62 8.07
CA LYS A 40 22.76 28.97 7.45
C LYS A 40 22.86 28.40 6.04
N ARG A 41 23.07 29.27 5.06
CA ARG A 41 23.37 28.82 3.69
C ARG A 41 24.82 29.18 3.37
N PRO A 42 25.65 28.16 3.11
CA PRO A 42 27.06 28.38 2.75
C PRO A 42 27.24 28.62 1.25
N PHE A 43 26.17 28.97 0.57
CA PHE A 43 26.23 29.29 -0.85
C PHE A 43 25.43 30.56 -1.09
N THR A 44 25.53 31.16 -2.27
CA THR A 44 24.84 32.42 -2.51
C THR A 44 23.64 32.28 -3.45
N ALA A 45 22.81 33.32 -3.47
CA ALA A 45 21.65 33.37 -4.37
C ALA A 45 22.07 33.28 -5.82
N GLU A 46 23.17 33.97 -6.15
CA GLU A 46 23.74 33.92 -7.49
C GLU A 46 24.07 32.48 -7.89
N GLN A 47 24.55 31.70 -6.92
CA GLN A 47 24.94 30.33 -7.23
C GLN A 47 23.72 29.46 -7.47
N ILE A 48 22.68 29.69 -6.67
CA ILE A 48 21.43 28.95 -6.80
C ILE A 48 20.75 29.25 -8.14
N VAL A 49 20.56 30.53 -8.43
CA VAL A 49 19.85 30.92 -9.64
C VAL A 49 20.55 30.41 -10.87
N SER A 50 21.88 30.33 -10.84
CA SER A 50 22.61 29.90 -12.03
C SER A 50 22.56 28.39 -12.19
N LYS A 51 21.83 27.72 -11.31
CA LYS A 51 21.57 26.27 -11.48
C LYS A 51 20.16 26.03 -11.98
N ARG A 52 19.35 27.09 -12.06
CA ARG A 52 17.97 27.00 -12.52
C ARG A 52 17.86 27.04 -14.04
N GLY A 53 16.70 26.72 -14.57
CA GLY A 53 16.42 26.90 -15.97
C GLY A 53 15.50 28.10 -16.12
N TYR A 54 14.70 28.13 -17.19
CA TYR A 54 13.81 29.24 -17.45
C TYR A 54 12.32 28.85 -17.34
N LEU A 55 12.05 27.69 -16.75
CA LEU A 55 10.67 27.30 -16.49
C LEU A 55 10.47 27.10 -14.98
N PRO A 56 10.35 28.20 -14.22
CA PRO A 56 10.14 28.06 -12.77
C PRO A 56 8.82 27.37 -12.46
N ILE A 57 8.79 26.62 -11.36
CA ILE A 57 7.62 25.89 -10.93
C ILE A 57 7.38 26.15 -9.45
N ASP A 58 6.14 26.43 -9.07
CA ASP A 58 5.81 26.42 -7.66
C ASP A 58 5.11 25.10 -7.40
N TYR A 59 5.81 24.21 -6.70
CA TYR A 59 5.28 22.88 -6.44
C TYR A 59 4.15 22.94 -5.41
N ALA A 60 3.20 22.03 -5.53
CA ALA A 60 2.08 22.00 -4.62
C ALA A 60 2.59 21.72 -3.21
N SER A 61 3.68 20.95 -3.11
CA SER A 61 4.26 20.63 -1.80
C SER A 61 4.70 21.87 -1.02
N ASN A 62 5.04 22.94 -1.74
CA ASN A 62 5.46 24.17 -1.09
C ASN A 62 4.36 24.77 -0.22
N THR A 63 3.13 24.65 -0.67
CA THR A 63 2.00 25.16 0.09
C THR A 63 1.95 24.40 1.40
N GLN A 64 2.25 23.11 1.31
CA GLN A 64 2.17 22.25 2.48
C GLN A 64 3.33 22.53 3.42
N ALA A 65 4.49 22.86 2.85
CA ALA A 65 5.68 23.17 3.64
C ALA A 65 5.44 24.44 4.45
N LYS A 66 4.86 25.44 3.79
CA LYS A 66 4.54 26.69 4.49
C LYS A 66 3.54 26.45 5.61
N LYS A 67 2.60 25.55 5.37
CA LYS A 67 1.58 25.27 6.38
C LYS A 67 2.19 24.53 7.55
N LEU A 68 3.03 23.55 7.25
CA LEU A 68 3.72 22.78 8.29
C LEU A 68 4.59 23.70 9.10
N TRP A 69 5.29 24.60 8.43
CA TRP A 69 6.13 25.57 9.13
C TRP A 69 5.31 26.40 10.11
N LYS A 70 4.17 26.89 9.63
CA LYS A 70 3.26 27.70 10.46
C LYS A 70 2.82 26.90 11.67
N ILE A 71 2.46 25.64 11.46
CA ILE A 71 2.04 24.80 12.58
C ILE A 71 3.16 24.64 13.61
N LEU A 72 4.35 24.28 13.14
CA LEU A 72 5.43 23.97 14.08
C LEU A 72 5.94 25.21 14.81
N GLU A 73 5.88 26.35 14.15
CA GLU A 73 6.23 27.61 14.80
C GLU A 73 5.31 27.86 15.99
N HIS A 74 4.02 27.67 15.74
CA HIS A 74 2.99 27.87 16.76
C HIS A 74 3.18 26.90 17.94
N ARG A 75 3.36 25.61 17.65
CA ARG A 75 3.60 24.62 18.70
C ARG A 75 4.82 24.95 19.58
N PHE A 76 5.94 25.28 18.95
CA PHE A 76 7.17 25.52 19.68
C PHE A 76 7.05 26.77 20.54
N GLU A 77 6.46 27.81 19.95
CA GLU A 77 6.29 29.08 20.63
C GLU A 77 5.38 28.93 21.86
N ASN A 78 4.44 27.98 21.81
CA ASN A 78 3.57 27.71 22.95
C ASN A 78 3.97 26.47 23.74
N ARG A 79 5.10 25.87 23.38
CA ARG A 79 5.58 24.66 24.05
C ARG A 79 4.50 23.59 24.09
N ASP A 80 3.78 23.47 22.98
CA ASP A 80 2.88 22.35 22.74
C ASP A 80 3.47 21.53 21.61
N ALA A 81 2.77 20.48 21.20
CA ALA A 81 3.25 19.60 20.17
C ALA A 81 2.15 19.24 19.18
N SER A 82 2.52 19.12 17.92
CA SER A 82 1.70 18.36 17.00
C SER A 82 2.20 16.93 17.05
N TYR A 83 1.29 15.97 17.07
CA TYR A 83 1.73 14.59 17.07
C TYR A 83 0.91 13.78 16.08
N THR A 84 1.55 12.77 15.50
CA THR A 84 0.94 11.96 14.45
C THR A 84 1.54 10.56 14.43
N TYR A 85 1.33 9.84 13.35
CA TYR A 85 1.94 8.52 13.22
C TYR A 85 2.07 8.08 11.79
N GLY A 86 2.86 7.02 11.57
CA GLY A 86 3.19 6.56 10.24
C GLY A 86 2.00 5.99 9.47
N CYS A 87 1.70 6.60 8.32
CA CYS A 87 0.53 6.22 7.52
C CYS A 87 0.84 5.28 6.36
N LEU A 88 0.04 4.21 6.26
CA LEU A 88 0.25 3.16 5.24
C LEU A 88 -0.30 3.46 3.84
N GLU A 89 -1.51 4.02 3.78
CA GLU A 89 -2.26 4.05 2.53
C GLU A 89 -3.43 5.06 2.64
N PRO A 90 -4.12 5.36 1.53
CA PRO A 90 -5.09 6.45 1.58
C PRO A 90 -6.28 6.30 2.55
N THR A 91 -6.82 5.10 2.75
CA THR A 91 -7.97 4.93 3.65
C THR A 91 -7.61 5.48 5.02
N MET A 92 -6.45 5.05 5.50
CA MET A 92 -5.89 5.48 6.76
C MET A 92 -5.75 6.99 6.85
N VAL A 93 -5.26 7.61 5.79
CA VAL A 93 -4.96 9.02 5.87
C VAL A 93 -6.25 9.83 5.95
N THR A 94 -7.33 9.34 5.33
CA THR A 94 -8.60 10.08 5.39
C THR A 94 -9.22 10.03 6.78
N GLN A 95 -8.93 8.98 7.55
CA GLN A 95 -9.39 8.89 8.94
C GLN A 95 -8.49 9.64 9.90
N MET A 96 -7.18 9.65 9.63
CA MET A 96 -6.24 10.39 10.47
C MET A 96 -6.56 11.88 10.40
N ALA A 97 -7.06 12.32 9.24
CA ALA A 97 -7.19 13.74 8.94
C ALA A 97 -8.15 14.44 9.89
N LYS A 98 -9.10 13.67 10.41
CA LYS A 98 -10.09 14.20 11.32
C LYS A 98 -9.42 14.70 12.61
N TYR A 99 -8.39 14.00 13.07
CA TYR A 99 -7.88 14.26 14.42
C TYR A 99 -6.45 14.78 14.50
N LEU A 100 -5.66 14.55 13.46
CA LEU A 100 -4.22 14.85 13.53
C LEU A 100 -3.83 15.84 12.43
N ASP A 101 -3.08 16.88 12.79
CA ASP A 101 -2.85 17.94 11.82
C ASP A 101 -1.60 17.73 10.94
N THR A 102 -0.94 16.59 11.08
CA THR A 102 0.15 16.21 10.17
C THR A 102 0.16 14.72 9.89
N VAL A 103 0.96 14.33 8.90
CA VAL A 103 1.12 12.92 8.55
C VAL A 103 2.59 12.54 8.45
N TYR A 104 2.93 11.36 8.98
CA TYR A 104 4.28 10.83 8.86
C TYR A 104 4.31 9.71 7.85
N VAL A 105 5.31 9.72 6.96
CA VAL A 105 5.53 8.63 6.03
C VAL A 105 6.86 7.94 6.39
N SER A 106 6.74 6.68 6.73
CA SER A 106 7.82 5.95 7.38
C SER A 106 8.64 5.09 6.41
N GLY A 107 9.96 5.12 6.58
CA GLY A 107 10.82 4.33 5.73
C GLY A 107 10.73 2.89 6.18
N TRP A 108 10.60 2.71 7.48
CA TRP A 108 10.48 1.37 8.06
C TRP A 108 9.23 0.72 7.45
N GLN A 109 8.09 1.42 7.52
CA GLN A 109 6.83 0.89 6.98
C GLN A 109 6.95 0.69 5.47
N SER A 110 7.62 1.61 4.78
CA SER A 110 7.77 1.47 3.34
C SER A 110 8.59 0.24 2.98
N SER A 111 9.50 -0.14 3.86
CA SER A 111 10.37 -1.25 3.53
C SER A 111 9.58 -2.53 3.54
N SER A 112 8.69 -2.67 4.50
CA SER A 112 7.91 -3.88 4.61
C SER A 112 6.68 -3.89 3.70
N THR A 113 6.20 -2.70 3.31
CA THR A 113 4.87 -2.62 2.66
C THR A 113 4.79 -1.77 1.39
N ALA A 114 5.87 -1.12 0.98
CA ALA A 114 5.72 -0.20 -0.15
C ALA A 114 6.95 0.00 -1.01
N SER A 115 7.87 -0.95 -1.06
CA SER A 115 9.03 -0.78 -1.95
C SER A 115 8.60 -0.58 -3.40
N ALA A 116 9.23 0.38 -4.08
CA ALA A 116 8.91 0.67 -5.48
C ALA A 116 9.12 -0.55 -6.40
N SER A 117 9.90 -1.53 -5.94
CA SER A 117 10.12 -2.75 -6.72
C SER A 117 9.30 -3.94 -6.20
N ASP A 118 8.45 -3.69 -5.21
CA ASP A 118 7.65 -4.73 -4.53
C ASP A 118 8.46 -5.75 -3.73
N GLU A 119 9.79 -5.64 -3.70
CA GLU A 119 10.55 -6.55 -2.85
C GLU A 119 10.66 -5.99 -1.42
N PRO A 120 9.94 -6.60 -0.46
CA PRO A 120 9.93 -6.09 0.92
C PRO A 120 11.16 -6.55 1.69
N GLY A 121 11.29 -6.10 2.93
CA GLY A 121 12.44 -6.44 3.74
C GLY A 121 12.53 -5.57 4.96
N PRO A 122 13.48 -5.89 5.85
CA PRO A 122 13.67 -5.11 7.09
C PRO A 122 14.14 -3.70 6.76
N ASP A 123 14.23 -2.87 7.79
CA ASP A 123 14.51 -1.44 7.62
C ASP A 123 16.00 -1.18 7.42
N LEU A 124 16.46 -1.30 6.16
CA LEU A 124 17.88 -1.19 5.83
C LEU A 124 18.10 -0.15 4.72
N ALA A 125 17.02 0.56 4.38
CA ALA A 125 17.02 1.48 3.24
C ALA A 125 17.73 0.91 2.05
N ASP A 126 17.45 -0.36 1.72
CA ASP A 126 18.02 -0.96 0.52
C ASP A 126 16.96 -1.17 -0.57
N TYR A 127 15.79 -0.52 -0.43
CA TYR A 127 14.81 -0.40 -1.51
C TYR A 127 15.26 0.72 -2.46
N PRO A 128 14.74 0.72 -3.70
CA PRO A 128 15.04 1.82 -4.64
C PRO A 128 14.65 3.17 -3.99
N TYR A 129 15.40 4.24 -4.20
CA TYR A 129 15.09 5.43 -3.41
C TYR A 129 13.79 6.13 -3.84
N THR A 130 13.22 5.70 -4.96
CA THR A 130 11.88 6.18 -5.38
C THR A 130 10.78 5.79 -4.39
N THR A 131 11.09 4.83 -3.53
CA THR A 131 10.12 4.22 -2.63
C THR A 131 9.36 5.21 -1.74
N VAL A 132 10.06 5.93 -0.88
CA VAL A 132 9.32 6.79 0.04
C VAL A 132 8.67 8.00 -0.64
N PRO A 133 9.34 8.64 -1.63
CA PRO A 133 8.62 9.66 -2.41
C PRO A 133 7.31 9.16 -3.07
N ASN A 134 7.33 7.95 -3.62
CA ASN A 134 6.13 7.39 -4.23
C ASN A 134 5.02 7.26 -3.18
N LYS A 135 5.36 6.87 -1.97
CA LYS A 135 4.36 6.80 -0.90
C LYS A 135 3.83 8.19 -0.55
N VAL A 136 4.71 9.19 -0.53
CA VAL A 136 4.26 10.56 -0.29
C VAL A 136 3.23 10.97 -1.32
N GLY A 137 3.51 10.67 -2.59
CA GLY A 137 2.60 11.00 -3.66
C GLY A 137 1.30 10.23 -3.56
N HIS A 138 1.40 8.97 -3.14
CA HIS A 138 0.26 8.10 -2.94
C HIS A 138 -0.76 8.75 -2.00
N LEU A 139 -0.28 9.19 -0.84
CA LEU A 139 -1.15 9.82 0.15
C LEU A 139 -1.57 11.23 -0.29
N PHE A 140 -0.67 11.96 -0.90
CA PHE A 140 -0.94 13.36 -1.21
C PHE A 140 -1.99 13.51 -2.33
N MET A 141 -1.88 12.68 -3.36
CA MET A 141 -2.88 12.69 -4.43
C MET A 141 -4.28 12.35 -3.90
N ALA A 142 -4.34 11.49 -2.89
CA ALA A 142 -5.58 11.12 -2.24
C ALA A 142 -6.13 12.27 -1.38
N GLN A 143 -5.25 12.93 -0.64
CA GLN A 143 -5.64 14.09 0.15
C GLN A 143 -6.27 15.14 -0.76
N LEU A 144 -5.60 15.40 -1.87
CA LEU A 144 -6.09 16.38 -2.82
C LEU A 144 -7.47 15.99 -3.31
N PHE A 145 -7.65 14.71 -3.63
CA PHE A 145 -8.90 14.20 -4.15
C PHE A 145 -10.06 14.36 -3.18
N HIS A 146 -9.84 13.95 -1.94
CA HIS A 146 -10.91 14.04 -0.94
C HIS A 146 -11.23 15.50 -0.61
N ASP A 147 -10.23 16.36 -0.66
CA ASP A 147 -10.46 17.78 -0.51
C ASP A 147 -11.41 18.28 -1.62
N ARG A 148 -11.19 17.82 -2.85
CA ARG A 148 -12.09 18.15 -3.95
C ARG A 148 -13.50 17.58 -3.71
N LYS A 149 -13.55 16.29 -3.38
CA LYS A 149 -14.81 15.63 -3.08
C LYS A 149 -15.64 16.43 -2.07
N GLN A 150 -14.99 16.93 -1.02
CA GLN A 150 -15.69 17.61 0.06
C GLN A 150 -16.14 19.02 -0.29
N ARG A 151 -15.34 19.76 -1.06
CA ARG A 151 -15.74 21.09 -1.47
C ARG A 151 -17.00 21.01 -2.34
N GLN A 152 -17.02 20.05 -3.26
CA GLN A 152 -18.17 19.87 -4.14
C GLN A 152 -19.40 19.54 -3.30
N GLU A 153 -19.22 18.68 -2.31
CA GLU A 153 -20.33 18.24 -1.45
C GLU A 153 -20.89 19.39 -0.61
N ARG A 154 -20.02 20.20 -0.01
CA ARG A 154 -20.47 21.27 0.86
C ARG A 154 -21.14 22.40 0.07
N LEU A 155 -20.63 22.72 -1.11
CA LEU A 155 -21.13 23.84 -1.88
C LEU A 155 -22.45 23.51 -2.58
N SER A 156 -22.70 22.22 -2.77
CA SER A 156 -23.92 21.77 -3.44
C SER A 156 -25.19 22.09 -2.63
N VAL A 157 -25.03 22.48 -1.36
CA VAL A 157 -26.13 22.96 -0.54
C VAL A 157 -25.88 24.40 -0.10
N PRO A 158 -26.94 25.15 0.22
CA PRO A 158 -26.71 26.52 0.65
C PRO A 158 -26.12 26.60 2.04
N LYS A 159 -25.48 27.73 2.33
CA LYS A 159 -24.74 27.95 3.57
C LYS A 159 -25.44 27.50 4.84
N GLU A 160 -26.70 27.91 4.98
CA GLU A 160 -27.44 27.67 6.21
C GLU A 160 -27.73 26.22 6.45
N GLN A 161 -27.27 25.30 5.59
CA GLN A 161 -27.55 23.90 5.94
C GLN A 161 -26.35 23.02 5.71
N ARG A 162 -25.17 23.58 5.95
CA ARG A 162 -23.93 22.85 5.89
C ARG A 162 -23.47 22.40 7.27
N ALA A 163 -24.11 22.92 8.31
CA ALA A 163 -23.70 22.73 9.70
C ALA A 163 -23.39 21.29 10.08
N ASN A 164 -24.12 20.35 9.50
CA ASN A 164 -23.97 18.97 9.89
C ASN A 164 -23.03 18.23 8.97
N LEU A 165 -22.72 18.83 7.82
CA LEU A 165 -21.83 18.23 6.86
C LEU A 165 -20.43 18.05 7.43
N LEU A 166 -19.72 17.04 6.94
CA LEU A 166 -18.31 16.87 7.23
C LEU A 166 -17.51 18.09 6.78
N ASN A 167 -16.56 18.49 7.62
CA ASN A 167 -15.65 19.57 7.29
C ASN A 167 -14.26 19.18 7.73
N ILE A 168 -13.73 18.17 7.05
CA ILE A 168 -12.44 17.62 7.39
C ILE A 168 -11.33 18.36 6.65
N ASP A 169 -10.24 18.64 7.34
CA ASP A 169 -9.04 19.17 6.68
C ASP A 169 -8.22 17.97 6.20
N TYR A 170 -8.34 17.65 4.90
CA TYR A 170 -7.56 16.57 4.32
C TYR A 170 -6.13 16.98 3.96
N LEU A 171 -5.87 18.28 3.96
CA LEU A 171 -4.57 18.79 3.52
C LEU A 171 -3.61 18.87 4.73
N ARG A 172 -3.41 17.75 5.41
CA ARG A 172 -2.48 17.68 6.51
C ARG A 172 -1.06 17.50 5.97
N PRO A 173 -0.15 18.43 6.31
CA PRO A 173 1.22 18.36 5.80
C PRO A 173 1.93 17.05 6.12
N ILE A 174 2.60 16.51 5.11
CA ILE A 174 3.35 15.27 5.21
C ILE A 174 4.83 15.47 5.52
N VAL A 175 5.33 14.75 6.52
CA VAL A 175 6.76 14.69 6.79
C VAL A 175 7.22 13.29 6.42
N ALA A 176 8.28 13.20 5.63
CA ALA A 176 8.71 11.92 5.07
C ALA A 176 10.16 11.54 5.38
N ASP A 177 10.38 10.23 5.41
CA ASP A 177 11.65 9.62 5.73
C ASP A 177 12.63 9.60 4.54
N ALA A 178 13.75 10.32 4.64
CA ALA A 178 14.76 10.29 3.58
C ALA A 178 15.91 9.33 3.88
N ASP A 179 15.74 8.50 4.91
CA ASP A 179 16.78 7.57 5.36
C ASP A 179 18.11 8.30 5.58
N THR A 180 19.19 7.86 4.92
CA THR A 180 20.44 8.61 5.05
C THR A 180 20.68 9.44 3.81
N GLY A 181 19.73 9.40 2.87
CA GLY A 181 19.87 10.15 1.63
C GLY A 181 20.13 9.29 0.42
N HIS A 182 20.24 7.99 0.63
CA HIS A 182 20.44 7.02 -0.46
C HIS A 182 21.62 7.28 -1.39
N GLY A 183 22.77 7.57 -0.80
CA GLY A 183 24.00 7.70 -1.59
C GLY A 183 24.77 8.97 -1.32
N GLY A 184 25.50 9.43 -2.33
CA GLY A 184 26.27 10.65 -2.20
C GLY A 184 25.37 11.88 -2.32
N LEU A 185 25.98 13.05 -2.27
CA LEU A 185 25.26 14.31 -2.28
C LEU A 185 24.39 14.52 -3.53
N THR A 186 24.79 13.95 -4.66
CA THR A 186 23.99 14.14 -5.86
C THR A 186 22.74 13.27 -5.78
N ALA A 187 22.85 12.14 -5.07
CA ALA A 187 21.68 11.31 -4.79
C ALA A 187 20.75 12.02 -3.83
N VAL A 188 21.33 12.59 -2.77
CA VAL A 188 20.55 13.32 -1.77
C VAL A 188 19.73 14.41 -2.45
N MET A 189 20.34 15.10 -3.42
CA MET A 189 19.65 16.19 -4.09
C MET A 189 18.56 15.67 -5.03
N LYS A 190 18.82 14.54 -5.68
CA LYS A 190 17.81 13.97 -6.55
C LYS A 190 16.64 13.42 -5.76
N LEU A 191 16.93 12.88 -4.56
CA LEU A 191 15.88 12.32 -3.71
C LEU A 191 15.03 13.45 -3.15
N THR A 192 15.70 14.54 -2.75
CA THR A 192 15.02 15.72 -2.25
C THR A 192 14.08 16.28 -3.32
N LYS A 193 14.58 16.36 -4.54
CA LYS A 193 13.81 16.81 -5.68
C LYS A 193 12.53 15.97 -5.87
N LEU A 194 12.67 14.64 -5.84
CA LEU A 194 11.50 13.76 -5.88
C LEU A 194 10.49 14.08 -4.81
N PHE A 195 10.96 14.13 -3.57
CA PHE A 195 10.09 14.40 -2.43
C PHE A 195 9.30 15.67 -2.64
N ILE A 196 9.97 16.69 -3.18
CA ILE A 196 9.33 17.98 -3.37
C ILE A 196 8.28 17.88 -4.48
N GLU A 197 8.59 17.16 -5.57
CA GLU A 197 7.61 17.07 -6.63
C GLU A 197 6.49 16.08 -6.27
N LYS A 198 6.72 15.18 -5.31
CA LYS A 198 5.70 14.21 -4.91
C LYS A 198 4.73 14.73 -3.84
N GLY A 199 5.13 15.72 -3.07
CA GLY A 199 4.23 16.31 -2.09
C GLY A 199 4.76 16.51 -0.67
N ALA A 200 6.04 16.29 -0.43
CA ALA A 200 6.56 16.40 0.95
C ALA A 200 6.58 17.84 1.46
N ALA A 201 6.12 18.03 2.69
CA ALA A 201 6.20 19.33 3.37
C ALA A 201 7.51 19.42 4.14
N GLY A 202 8.03 18.26 4.52
CA GLY A 202 9.31 18.22 5.23
C GLY A 202 9.88 16.83 5.13
N ILE A 203 11.20 16.71 5.28
CA ILE A 203 11.83 15.38 5.28
C ILE A 203 12.85 15.24 6.39
N HIS A 204 13.07 14.01 6.87
CA HIS A 204 14.12 13.80 7.85
C HIS A 204 15.21 12.92 7.28
N ILE A 205 16.44 13.18 7.72
CA ILE A 205 17.62 12.47 7.24
C ILE A 205 18.59 12.26 8.43
N GLU A 206 19.19 11.08 8.50
CA GLU A 206 19.95 10.69 9.69
C GLU A 206 21.43 10.49 9.39
N ASP A 207 22.27 10.58 10.41
CA ASP A 207 23.72 10.54 10.20
C ASP A 207 24.31 9.14 10.19
N GLN A 208 23.57 8.18 9.63
CA GLN A 208 24.12 6.84 9.42
C GLN A 208 24.73 6.76 8.02
N ALA A 209 25.51 5.70 7.78
CA ALA A 209 26.04 5.40 6.47
C ALA A 209 25.02 4.61 5.65
N PRO A 210 24.85 4.96 4.38
CA PRO A 210 23.97 4.11 3.55
C PRO A 210 24.68 2.78 3.33
N GLY A 211 23.97 1.71 3.07
CA GLY A 211 24.72 0.48 2.88
C GLY A 211 24.78 -0.28 4.19
N THR A 212 24.81 0.45 5.30
CA THR A 212 24.76 -0.17 6.63
C THR A 212 23.52 0.26 7.42
N LYS A 213 22.73 1.16 6.84
CA LYS A 213 21.67 1.85 7.60
C LYS A 213 20.77 0.90 8.38
N LYS A 214 20.40 1.29 9.59
CA LYS A 214 19.54 0.47 10.45
C LYS A 214 18.36 1.26 10.98
N CYS A 215 17.30 0.56 11.36
CA CYS A 215 16.28 1.16 12.20
C CYS A 215 17.03 1.66 13.46
N GLY A 216 16.60 2.80 14.01
CA GLY A 216 17.27 3.37 15.17
C GLY A 216 17.32 2.42 16.37
N HIS A 217 16.46 1.42 16.37
CA HIS A 217 16.38 0.49 17.49
C HIS A 217 16.84 -0.90 17.07
N MET A 218 17.51 -0.97 15.92
CA MET A 218 18.35 -2.10 15.57
C MET A 218 19.76 -1.87 16.10
N ALA A 219 20.54 -2.95 16.23
CA ALA A 219 21.97 -2.83 16.52
C ALA A 219 22.77 -2.67 15.23
N GLY A 220 24.09 -2.61 15.35
CA GLY A 220 24.97 -2.58 14.20
C GLY A 220 24.89 -1.28 13.42
N LYS A 221 24.73 -0.17 14.13
CA LYS A 221 24.60 1.12 13.47
C LYS A 221 25.95 1.78 13.29
N VAL A 222 26.20 2.22 12.05
CA VAL A 222 27.44 2.92 11.71
C VAL A 222 27.15 4.38 11.37
N LEU A 223 27.80 5.33 12.05
CA LEU A 223 27.61 6.74 11.70
C LEU A 223 28.60 7.23 10.67
N VAL A 224 28.27 8.36 10.03
CA VAL A 224 29.20 9.07 9.16
C VAL A 224 29.79 10.25 9.93
N PRO A 225 30.92 10.81 9.46
CA PRO A 225 31.48 11.99 10.11
C PRO A 225 30.47 13.13 10.22
N ILE A 226 30.66 14.01 11.20
CA ILE A 226 29.77 15.14 11.36
C ILE A 226 29.68 15.97 10.07
N GLN A 227 30.82 16.18 9.39
CA GLN A 227 30.83 17.02 8.19
C GLN A 227 30.01 16.42 7.05
N GLU A 228 30.03 15.10 6.93
CA GLU A 228 29.30 14.43 5.87
C GLU A 228 27.77 14.63 6.04
N HIS A 229 27.29 14.56 7.28
CA HIS A 229 25.86 14.76 7.48
C HIS A 229 25.49 16.24 7.27
N ILE A 230 26.37 17.13 7.69
CA ILE A 230 26.18 18.55 7.40
C ILE A 230 26.04 18.79 5.90
N ASN A 231 26.91 18.16 5.11
CA ASN A 231 26.86 18.30 3.66
C ASN A 231 25.52 17.82 3.08
N ARG A 232 25.00 16.71 3.61
CA ARG A 232 23.70 16.20 3.22
C ARG A 232 22.60 17.25 3.44
N LEU A 233 22.64 17.87 4.61
CA LEU A 233 21.65 18.88 4.96
C LEU A 233 21.76 20.11 4.06
N VAL A 234 22.98 20.52 3.74
CA VAL A 234 23.13 21.69 2.88
C VAL A 234 22.64 21.37 1.47
N ALA A 235 22.91 20.15 1.01
CA ALA A 235 22.44 19.71 -0.30
C ALA A 235 20.91 19.66 -0.38
N ILE A 236 20.27 19.18 0.69
CA ILE A 236 18.81 19.26 0.74
C ILE A 236 18.33 20.70 0.56
N ARG A 237 18.91 21.61 1.31
CA ARG A 237 18.51 23.01 1.26
C ARG A 237 18.78 23.63 -0.11
N ALA A 238 19.92 23.30 -0.70
CA ALA A 238 20.24 23.82 -2.02
C ALA A 238 19.20 23.39 -3.07
N GLN A 239 18.78 22.13 -3.01
CA GLN A 239 17.81 21.63 -3.98
C GLN A 239 16.44 22.27 -3.73
N ALA A 240 16.09 22.45 -2.46
CA ALA A 240 14.85 23.14 -2.14
C ALA A 240 14.92 24.58 -2.67
N ASP A 241 16.08 25.21 -2.50
CA ASP A 241 16.29 26.58 -2.96
C ASP A 241 16.21 26.67 -4.48
N ILE A 242 16.79 25.68 -5.16
CA ILE A 242 16.73 25.67 -6.62
C ILE A 242 15.26 25.65 -7.07
N MET A 243 14.43 24.91 -6.33
CA MET A 243 13.04 24.67 -6.69
C MET A 243 12.07 25.67 -6.03
N GLY A 244 12.58 26.53 -5.17
CA GLY A 244 11.73 27.54 -4.56
C GLY A 244 10.79 27.05 -3.47
N SER A 245 11.11 25.91 -2.85
CA SER A 245 10.30 25.35 -1.78
C SER A 245 10.77 25.69 -0.36
N ASP A 246 9.82 25.94 0.53
CA ASP A 246 10.08 26.17 1.96
C ASP A 246 10.23 24.86 2.76
N LEU A 247 10.33 23.74 2.05
CA LEU A 247 10.56 22.41 2.64
C LEU A 247 11.37 22.40 3.92
N LEU A 248 10.81 21.81 4.99
CA LEU A 248 11.53 21.65 6.24
C LEU A 248 12.49 20.47 6.15
N ALA A 249 13.63 20.62 6.81
CA ALA A 249 14.63 19.58 6.90
C ALA A 249 14.84 19.20 8.35
N ILE A 250 14.64 17.93 8.68
CA ILE A 250 14.82 17.46 10.04
C ILE A 250 16.07 16.60 10.13
N ALA A 251 16.94 16.92 11.07
CA ALA A 251 18.14 16.12 11.24
C ALA A 251 17.93 15.08 12.34
N ARG A 252 18.19 13.82 12.02
CA ARG A 252 18.17 12.78 13.04
C ARG A 252 19.58 12.29 13.36
N THR A 253 19.93 12.18 14.64
CA THR A 253 21.20 11.54 14.96
C THR A 253 20.98 10.18 15.61
N ASP A 254 21.76 9.22 15.15
CA ASP A 254 21.74 7.90 15.75
C ASP A 254 22.88 7.69 16.77
N ALA A 255 23.42 8.79 17.31
CA ALA A 255 24.62 8.67 18.13
C ALA A 255 24.39 8.07 19.51
N GLU A 256 23.15 8.05 19.98
CA GLU A 256 22.88 7.60 21.34
C GLU A 256 23.28 6.14 21.54
N ALA A 257 23.11 5.31 20.52
CA ALA A 257 23.42 3.88 20.66
C ALA A 257 24.41 3.35 19.63
N ALA A 258 24.77 4.15 18.63
CA ALA A 258 25.72 3.67 17.61
C ALA A 258 27.07 3.31 18.25
N THR A 259 27.71 2.27 17.73
CA THR A 259 29.00 1.85 18.26
C THR A 259 30.11 1.92 17.21
N LEU A 260 29.77 2.36 16.01
CA LEU A 260 30.76 2.37 14.93
C LEU A 260 30.74 3.68 14.18
N LEU A 261 31.82 3.98 13.46
CA LEU A 261 31.95 5.23 12.70
C LEU A 261 32.68 4.94 11.40
N SER A 262 32.16 5.45 10.28
CA SER A 262 32.64 5.04 8.95
C SER A 262 34.07 5.49 8.68
N THR A 263 34.38 6.73 9.04
CA THR A 263 35.75 7.16 9.03
C THR A 263 36.00 8.21 10.12
N ASN A 264 37.26 8.49 10.36
CA ASN A 264 37.63 9.41 11.43
C ASN A 264 38.16 10.78 10.96
N ILE A 265 37.75 11.19 9.78
CA ILE A 265 38.37 12.35 9.20
C ILE A 265 38.01 13.63 9.96
N ASP A 266 36.85 13.66 10.64
CA ASP A 266 36.35 14.89 11.30
C ASP A 266 36.77 14.99 12.76
N PRO A 267 37.54 16.03 13.10
CA PRO A 267 38.06 16.18 14.46
C PRO A 267 36.95 16.34 15.48
N ARG A 268 35.77 16.83 15.06
CA ARG A 268 34.66 16.98 16.01
C ARG A 268 34.25 15.61 16.52
N ASP A 269 34.61 14.55 15.79
CA ASP A 269 34.32 13.19 16.22
C ASP A 269 35.39 12.63 17.17
N HIS A 270 36.59 13.21 17.14
CA HIS A 270 37.77 12.54 17.74
C HIS A 270 37.63 12.23 19.21
N ALA A 271 36.94 13.11 19.95
CA ALA A 271 36.74 12.88 21.38
C ALA A 271 35.93 11.61 21.62
N PHE A 272 35.20 11.13 20.61
CA PHE A 272 34.31 10.00 20.81
C PHE A 272 34.79 8.69 20.14
N ILE A 273 36.02 8.71 19.64
CA ILE A 273 36.58 7.55 18.96
C ILE A 273 37.46 6.75 19.91
N LEU A 274 37.18 5.46 20.01
CA LEU A 274 37.88 4.60 20.96
C LEU A 274 39.13 3.99 20.33
N GLY A 275 40.24 4.00 21.07
CA GLY A 275 41.50 3.44 20.61
C GLY A 275 42.00 2.35 21.54
N SER A 276 42.83 1.45 20.99
CA SER A 276 43.50 0.46 21.82
C SER A 276 44.55 1.12 22.69
N THR A 277 44.67 0.68 23.94
CA THR A 277 45.75 1.16 24.80
C THR A 277 46.74 0.05 25.11
N ASN A 278 46.64 -1.06 24.36
CA ASN A 278 47.49 -2.23 24.62
C ASN A 278 48.53 -2.39 23.51
N SER A 279 49.77 -2.02 23.83
CA SER A 279 50.83 -2.02 22.85
C SER A 279 51.35 -3.41 22.50
N THR A 280 50.87 -4.44 23.19
CA THR A 280 51.32 -5.79 22.85
C THR A 280 50.56 -6.39 21.66
N LEU A 281 49.45 -5.78 21.27
CA LEU A 281 48.57 -6.39 20.29
C LEU A 281 48.91 -6.07 18.84
N LYS A 282 48.80 -7.07 17.97
CA LYS A 282 48.77 -6.84 16.54
C LYS A 282 47.41 -6.23 16.15
N PRO A 283 47.35 -5.52 15.01
CA PRO A 283 46.06 -4.98 14.56
C PRO A 283 45.00 -6.07 14.44
N LEU A 284 43.81 -5.80 14.96
CA LEU A 284 42.71 -6.76 14.94
C LEU A 284 42.46 -7.31 13.55
N ASN A 285 42.43 -6.44 12.55
CA ASN A 285 42.12 -6.89 11.20
C ASN A 285 43.12 -7.91 10.67
N ASP A 286 44.38 -7.72 11.01
CA ASP A 286 45.43 -8.66 10.61
C ASP A 286 45.21 -10.04 11.23
N LEU A 287 44.79 -10.06 12.50
CA LEU A 287 44.38 -11.33 13.13
C LEU A 287 43.20 -11.95 12.38
N MET A 288 42.18 -11.15 12.10
CA MET A 288 40.99 -11.64 11.42
C MET A 288 41.34 -12.22 10.05
N ILE A 289 42.18 -11.51 9.31
CA ILE A 289 42.58 -11.95 7.97
C ILE A 289 43.30 -13.30 8.00
N ALA A 290 44.15 -13.50 8.99
CA ALA A 290 44.88 -14.76 9.12
C ALA A 290 43.97 -15.90 9.56
N ALA A 291 43.07 -15.60 10.48
CA ALA A 291 42.09 -16.58 10.92
C ALA A 291 41.21 -17.04 9.75
N GLU A 292 40.68 -16.08 8.99
CA GLU A 292 39.86 -16.45 7.83
C GLU A 292 40.68 -17.21 6.79
N ALA A 293 41.90 -16.73 6.52
CA ALA A 293 42.71 -17.32 5.45
C ALA A 293 43.07 -18.78 5.73
N THR A 294 42.95 -19.21 6.98
CA THR A 294 43.21 -20.61 7.33
C THR A 294 41.95 -21.41 7.70
N GLY A 295 40.77 -20.88 7.35
CA GLY A 295 39.55 -21.66 7.43
C GLY A 295 38.64 -21.40 8.62
N LYS A 296 39.09 -20.61 9.58
CA LYS A 296 38.26 -20.22 10.73
C LYS A 296 37.04 -19.39 10.28
N SER A 297 35.88 -19.64 10.88
CA SER A 297 34.72 -18.81 10.58
C SER A 297 33.69 -18.86 11.68
N GLY A 298 32.61 -18.10 11.49
CA GLY A 298 31.51 -18.06 12.43
C GLY A 298 31.90 -17.68 13.83
N ALA A 299 31.32 -18.39 14.80
CA ALA A 299 31.52 -18.13 16.22
C ALA A 299 33.00 -18.11 16.59
N GLU A 300 33.77 -19.03 16.00
CA GLU A 300 35.19 -19.12 16.27
C GLU A 300 35.89 -17.83 15.86
N LEU A 301 35.46 -17.29 14.73
CA LEU A 301 36.01 -16.04 14.22
C LEU A 301 35.58 -14.87 15.10
N GLN A 302 34.34 -14.90 15.57
CA GLN A 302 33.80 -13.83 16.39
C GLN A 302 34.46 -13.78 17.77
N ARG A 303 34.87 -14.93 18.28
CA ARG A 303 35.51 -14.98 19.60
C ARG A 303 36.89 -14.35 19.54
N ILE A 304 37.62 -14.60 18.46
CA ILE A 304 38.88 -13.92 18.22
C ILE A 304 38.71 -12.41 18.32
N GLU A 305 37.70 -11.88 17.64
CA GLU A 305 37.43 -10.46 17.74
C GLU A 305 37.04 -10.05 19.15
N ASP A 306 36.13 -10.81 19.76
CA ASP A 306 35.59 -10.43 21.08
C ASP A 306 36.68 -10.27 22.15
N GLU A 307 37.63 -11.20 22.22
CA GLU A 307 38.59 -11.07 23.29
C GLU A 307 39.78 -10.19 22.91
N TRP A 308 40.04 -10.02 21.61
CA TRP A 308 40.98 -8.98 21.20
C TRP A 308 40.51 -7.60 21.68
N LEU A 309 39.21 -7.34 21.58
CA LEU A 309 38.63 -6.06 21.98
C LEU A 309 38.69 -5.90 23.49
N ALA A 310 38.53 -7.00 24.19
CA ALA A 310 38.64 -6.98 25.63
C ALA A 310 40.07 -6.62 26.05
N LYS A 311 41.07 -7.29 25.48
CA LYS A 311 42.46 -7.04 25.82
C LYS A 311 42.93 -5.63 25.46
N ALA A 312 42.21 -4.97 24.54
CA ALA A 312 42.68 -3.70 24.01
C ALA A 312 42.35 -2.54 24.94
N ASN A 313 41.55 -2.82 25.97
CA ASN A 313 41.12 -1.80 26.94
C ASN A 313 40.72 -0.49 26.28
N LEU A 314 39.65 -0.52 25.49
CA LEU A 314 39.35 0.62 24.62
C LEU A 314 39.11 1.88 25.45
N SER A 315 39.56 3.01 24.91
CA SER A 315 39.39 4.28 25.58
C SER A 315 39.53 5.42 24.58
N SER A 316 38.99 6.60 24.92
CA SER A 316 39.27 7.79 24.14
C SER A 316 40.71 8.22 24.37
N PHE A 317 41.26 9.02 23.47
CA PHE A 317 42.63 9.49 23.66
C PHE A 317 42.74 10.33 24.91
N ASP A 318 41.74 11.17 25.17
CA ASP A 318 41.77 12.03 26.36
C ASP A 318 41.86 11.17 27.61
N ASP A 319 41.05 10.11 27.69
CA ASP A 319 41.04 9.24 28.85
C ASP A 319 42.36 8.50 29.02
N ALA A 320 43.00 8.17 27.91
CA ALA A 320 44.31 7.51 27.92
C ALA A 320 45.40 8.44 28.46
N VAL A 321 45.27 9.74 28.14
CA VAL A 321 46.20 10.72 28.64
C VAL A 321 46.02 10.87 30.16
N ALA A 322 44.77 10.93 30.61
CA ALA A 322 44.51 11.06 32.04
C ALA A 322 44.96 9.81 32.78
N ALA A 323 44.72 8.65 32.19
CA ALA A 323 45.13 7.38 32.79
C ALA A 323 46.65 7.31 32.95
N ALA A 324 47.37 7.83 31.96
CA ALA A 324 48.84 7.79 31.92
C ALA A 324 49.44 8.76 32.94
N ILE A 325 48.75 9.88 33.13
CA ILE A 325 49.11 10.84 34.17
C ILE A 325 48.90 10.23 35.57
N ASP A 326 47.72 9.67 35.82
CA ASP A 326 47.41 9.01 37.09
C ASP A 326 48.40 7.90 37.48
N ALA A 327 48.91 7.18 36.49
CA ALA A 327 49.75 6.01 36.72
C ALA A 327 51.25 6.31 36.67
N GLY A 328 51.63 7.38 35.98
CA GLY A 328 53.05 7.63 35.73
C GLY A 328 53.76 8.41 36.84
N SER A 329 55.07 8.57 36.66
CA SER A 329 55.86 9.41 37.55
C SER A 329 55.69 10.86 37.12
N PHE A 330 54.74 11.55 37.73
CA PHE A 330 54.55 12.96 37.47
C PHE A 330 54.31 13.69 38.80
N SER A 331 54.73 14.95 38.87
CA SER A 331 54.41 15.81 40.01
C SER A 331 53.30 16.79 39.60
N ASP A 332 52.39 17.09 40.53
CA ASP A 332 51.23 17.94 40.25
C ASP A 332 50.36 17.31 39.16
N LYS A 333 49.78 16.15 39.45
CA LYS A 333 48.98 15.42 38.46
C LYS A 333 47.65 16.10 38.18
N ALA A 334 47.05 16.72 39.20
CA ALA A 334 45.81 17.47 39.00
C ALA A 334 46.06 18.67 38.09
N GLY A 335 47.29 19.18 38.14
CA GLY A 335 47.68 20.32 37.32
C GLY A 335 47.83 19.98 35.86
N ILE A 336 48.52 18.87 35.57
CA ILE A 336 48.73 18.49 34.19
C ILE A 336 47.40 18.10 33.57
N LYS A 337 46.54 17.46 34.35
CA LYS A 337 45.22 17.08 33.87
C LYS A 337 44.40 18.30 33.51
N GLN A 338 44.43 19.30 34.39
CA GLN A 338 43.77 20.59 34.14
C GLN A 338 44.26 21.19 32.82
N GLU A 339 45.59 21.28 32.68
CA GLU A 339 46.13 21.95 31.52
C GLU A 339 45.93 21.12 30.26
N TYR A 340 45.95 19.79 30.38
CA TYR A 340 45.76 18.95 29.20
C TYR A 340 44.33 19.09 28.66
N THR A 341 43.36 18.85 29.52
CA THR A 341 41.96 18.99 29.18
C THR A 341 41.67 20.31 28.47
N SER A 342 42.22 21.37 29.02
CA SER A 342 41.97 22.70 28.52
C SER A 342 42.49 22.87 27.10
N ARG A 343 43.77 22.60 26.91
CA ARG A 343 44.42 22.82 25.62
C ARG A 343 44.05 21.78 24.55
N ALA A 344 43.53 20.63 24.95
CA ALA A 344 43.27 19.57 23.98
C ALA A 344 41.79 19.46 23.59
N LYS A 345 40.91 20.03 24.41
CA LYS A 345 39.45 19.94 24.17
C LYS A 345 39.02 20.38 22.77
N GLY A 346 38.33 19.50 22.07
CA GLY A 346 37.80 19.81 20.76
C GLY A 346 38.85 19.98 19.69
N LYS A 347 40.07 19.53 19.96
CA LYS A 347 41.13 19.62 18.98
C LYS A 347 41.25 18.28 18.24
N SER A 348 41.81 18.32 17.05
CA SER A 348 42.11 17.09 16.35
C SER A 348 43.03 16.21 17.17
N ASN A 349 42.98 14.90 16.90
CA ASN A 349 43.86 13.96 17.54
C ASN A 349 45.33 14.34 17.38
N PHE A 350 45.70 14.79 16.20
CA PHE A 350 47.08 15.20 15.93
C PHE A 350 47.53 16.29 16.89
N GLU A 351 46.64 17.25 17.13
CA GLU A 351 46.99 18.41 17.93
C GLU A 351 46.98 18.04 19.41
N ALA A 352 46.05 17.17 19.79
CA ALA A 352 45.97 16.71 21.17
C ALA A 352 47.16 15.83 21.53
N ARG A 353 47.68 15.10 20.54
CA ARG A 353 48.85 14.28 20.76
C ARG A 353 50.05 15.17 21.03
N ALA A 354 50.17 16.26 20.25
CA ALA A 354 51.24 17.22 20.40
C ALA A 354 51.20 17.86 21.80
N VAL A 355 50.01 18.26 22.25
CA VAL A 355 49.86 18.79 23.60
C VAL A 355 50.33 17.78 24.64
N ALA A 356 49.90 16.52 24.50
CA ALA A 356 50.24 15.50 25.49
C ALA A 356 51.75 15.22 25.49
N ARG A 357 52.36 15.26 24.32
CA ARG A 357 53.81 15.05 24.22
C ARG A 357 54.57 16.18 24.93
N GLN A 358 54.10 17.40 24.75
CA GLN A 358 54.70 18.58 25.37
C GLN A 358 54.51 18.56 26.89
N LEU A 359 53.32 18.19 27.34
CA LEU A 359 53.04 18.18 28.77
C LEU A 359 53.67 17.01 29.49
N LEU A 360 53.78 15.88 28.81
CA LEU A 360 54.22 14.64 29.47
C LEU A 360 55.69 14.35 29.21
N GLY A 361 56.21 14.88 28.10
CA GLY A 361 57.61 14.71 27.78
C GLY A 361 57.83 13.45 26.95
N ARG A 362 56.73 12.81 26.58
CA ARG A 362 56.79 11.58 25.80
C ARG A 362 55.42 11.25 25.22
N ASP A 363 55.40 10.44 24.16
CA ASP A 363 54.17 10.02 23.49
C ASP A 363 53.56 8.77 24.12
N ILE A 364 52.39 8.88 24.73
CA ILE A 364 51.71 7.70 25.26
C ILE A 364 51.23 6.80 24.10
N PHE A 365 51.09 5.50 24.36
CA PHE A 365 50.62 4.61 23.29
C PHE A 365 49.11 4.77 23.10
N PHE A 366 48.69 4.89 21.85
CA PHE A 366 47.28 4.98 21.52
C PHE A 366 47.09 4.65 20.06
N ASP A 367 46.25 3.66 19.76
CA ASP A 367 46.05 3.22 18.37
C ASP A 367 44.57 2.96 18.08
N TRP A 368 43.91 3.85 17.32
CA TRP A 368 42.49 3.64 16.95
C TRP A 368 42.33 3.02 15.59
N ASP A 369 43.39 2.92 14.80
CA ASP A 369 43.34 2.06 13.60
C ASP A 369 43.20 0.59 14.00
N ALA A 370 44.00 0.19 14.97
CA ALA A 370 44.13 -1.21 15.35
C ALA A 370 42.80 -1.91 15.67
N PRO A 371 41.82 -1.21 16.24
CA PRO A 371 40.59 -1.97 16.52
C PRO A 371 39.53 -1.93 15.40
N ARG A 372 39.85 -1.36 14.26
CA ARG A 372 38.87 -1.25 13.18
C ARG A 372 38.29 -2.58 12.72
N THR A 373 36.98 -2.58 12.41
CA THR A 373 36.32 -3.73 11.79
C THR A 373 36.90 -4.06 10.41
N ARG A 374 36.49 -5.21 9.88
CA ARG A 374 36.96 -5.70 8.59
C ARG A 374 36.59 -4.73 7.48
N GLU A 375 35.55 -3.92 7.71
CA GLU A 375 35.14 -2.92 6.72
C GLU A 375 35.94 -1.64 6.89
N GLY A 376 36.70 -1.54 7.98
CA GLY A 376 37.48 -0.35 8.28
C GLY A 376 36.77 0.64 9.20
N TYR A 377 35.68 0.20 9.85
CA TYR A 377 34.91 1.09 10.71
C TYR A 377 35.61 1.30 12.05
N PHE A 378 35.45 2.48 12.63
CA PHE A 378 36.03 2.75 13.94
C PHE A 378 35.05 2.53 15.06
N ARG A 379 35.65 2.20 16.20
CA ARG A 379 34.94 1.97 17.43
C ARG A 379 34.54 3.31 17.97
N LEU A 380 33.24 3.49 18.18
CA LEU A 380 32.70 4.77 18.61
C LEU A 380 32.15 4.69 20.04
N LYS A 381 32.41 5.73 20.83
CA LYS A 381 31.86 5.78 22.18
C LYS A 381 30.55 6.57 22.12
N GLY A 382 29.48 5.86 21.79
CA GLY A 382 28.19 6.48 21.62
C GLY A 382 27.58 6.87 22.94
N GLY A 383 26.53 7.68 22.88
CA GLY A 383 25.78 8.06 24.06
C GLY A 383 25.17 9.42 23.83
N CYS A 384 24.44 9.91 24.83
CA CYS A 384 23.76 11.18 24.74
C CYS A 384 24.72 12.36 24.49
N ASP A 385 25.91 12.28 25.08
CA ASP A 385 26.92 13.32 24.89
C ASP A 385 27.36 13.38 23.43
N CYS A 386 27.62 12.21 22.86
CA CYS A 386 27.98 12.12 21.45
C CYS A 386 26.85 12.71 20.61
N ALA A 387 25.61 12.40 20.99
CA ALA A 387 24.41 12.88 20.28
C ALA A 387 24.22 14.40 20.37
N VAL A 388 24.39 14.96 21.57
CA VAL A 388 24.32 16.41 21.73
C VAL A 388 25.38 17.10 20.85
N ASN A 389 26.60 16.53 20.83
CA ASN A 389 27.69 17.10 20.03
C ASN A 389 27.30 17.20 18.56
N ARG A 390 26.78 16.11 18.01
CA ARG A 390 26.32 16.07 16.62
C ARG A 390 25.17 17.05 16.38
N ALA A 391 24.16 17.03 17.25
CA ALA A 391 22.99 17.89 17.13
C ALA A 391 23.38 19.37 17.15
N ILE A 392 24.31 19.74 18.02
CA ILE A 392 24.76 21.11 18.09
C ILE A 392 25.42 21.52 16.77
N ALA A 393 26.16 20.60 16.15
CA ALA A 393 26.79 20.91 14.88
C ALA A 393 25.74 20.95 13.75
N TYR A 394 24.69 20.14 13.84
CA TYR A 394 23.70 20.06 12.75
C TYR A 394 22.74 21.26 12.71
N ALA A 395 22.54 21.90 13.87
CA ALA A 395 21.47 22.89 14.09
C ALA A 395 21.31 24.02 13.06
N PRO A 396 22.42 24.65 12.59
CA PRO A 396 22.23 25.77 11.67
C PRO A 396 21.73 25.30 10.31
N TYR A 397 21.71 23.99 10.12
CA TYR A 397 21.41 23.41 8.82
C TYR A 397 20.08 22.63 8.80
N CYS A 398 19.34 22.65 9.89
CA CYS A 398 18.07 21.93 9.92
C CYS A 398 17.04 22.69 10.74
N ASP A 399 15.77 22.37 10.54
CA ASP A 399 14.69 23.13 11.15
C ASP A 399 14.19 22.47 12.43
N ALA A 400 14.63 21.24 12.67
CA ALA A 400 14.35 20.51 13.91
C ALA A 400 15.34 19.35 14.10
N ILE A 401 15.57 18.94 15.34
CA ILE A 401 16.54 17.88 15.62
C ILE A 401 15.89 16.74 16.39
N TRP A 402 16.38 15.54 16.14
CA TRP A 402 15.79 14.33 16.70
C TRP A 402 16.93 13.36 17.09
N MET A 403 16.88 12.86 18.33
CA MET A 403 17.84 11.85 18.75
C MET A 403 17.09 10.58 19.08
N GLU A 404 17.49 9.48 18.45
CA GLU A 404 16.92 8.19 18.77
C GLU A 404 17.36 7.76 20.16
N SER A 405 16.49 7.08 20.89
CA SER A 405 16.86 6.55 22.21
C SER A 405 16.44 5.10 22.35
N LYS A 406 16.96 4.43 23.38
CA LYS A 406 16.68 3.00 23.61
C LYS A 406 15.38 2.77 24.37
N LEU A 407 14.88 3.82 25.01
CA LEU A 407 13.68 3.72 25.84
C LEU A 407 12.94 5.07 25.84
N PRO A 408 11.62 5.05 26.05
CA PRO A 408 10.99 6.36 26.22
C PRO A 408 11.34 6.92 27.58
N ASP A 409 12.56 7.44 27.72
CA ASP A 409 13.07 7.89 29.00
C ASP A 409 12.99 9.40 29.14
N PHE A 410 12.12 9.89 30.03
CA PHE A 410 11.99 11.35 30.18
C PHE A 410 13.29 12.05 30.57
N ALA A 411 14.06 11.46 31.49
CA ALA A 411 15.28 12.12 31.96
C ALA A 411 16.27 12.33 30.81
N GLN A 412 16.51 11.30 30.01
CA GLN A 412 17.41 11.47 28.88
C GLN A 412 16.87 12.45 27.84
N ALA A 413 15.54 12.45 27.68
CA ALA A 413 14.91 13.33 26.70
C ALA A 413 15.14 14.77 27.11
N GLU A 414 15.05 15.00 28.42
CA GLU A 414 15.38 16.28 29.04
C GLU A 414 16.87 16.63 28.94
N GLN A 415 17.72 15.65 29.22
CA GLN A 415 19.16 15.82 29.10
C GLN A 415 19.53 16.21 27.67
N PHE A 416 18.87 15.60 26.69
CA PHE A 416 19.20 15.93 25.31
C PHE A 416 18.74 17.35 25.00
N ALA A 417 17.53 17.69 25.44
CA ALA A 417 16.96 19.00 25.13
C ALA A 417 17.80 20.11 25.78
N GLN A 418 18.20 19.89 27.02
CA GLN A 418 19.04 20.84 27.74
C GLN A 418 20.38 21.01 27.03
N GLY A 419 20.99 19.90 26.62
CA GLY A 419 22.23 19.95 25.86
C GLY A 419 22.14 20.80 24.61
N VAL A 420 21.12 20.58 23.81
CA VAL A 420 21.00 21.36 22.58
C VAL A 420 20.67 22.83 22.88
N HIS A 421 19.76 23.05 23.82
CA HIS A 421 19.26 24.40 24.09
C HIS A 421 20.28 25.28 24.81
N ALA A 422 21.22 24.65 25.51
CA ALA A 422 22.34 25.38 26.09
C ALA A 422 23.04 26.21 25.03
N VAL A 423 23.02 25.73 23.78
CA VAL A 423 23.71 26.42 22.68
C VAL A 423 22.73 27.08 21.72
N TRP A 424 21.63 26.39 21.42
CA TRP A 424 20.60 26.92 20.52
C TRP A 424 19.25 26.90 21.20
N PRO A 425 18.98 27.91 22.04
CA PRO A 425 17.78 27.89 22.90
C PRO A 425 16.47 27.81 22.11
N GLU A 426 16.49 28.24 20.85
CA GLU A 426 15.26 28.25 20.08
C GLU A 426 15.13 27.11 19.09
N LYS A 427 15.86 26.02 19.35
CA LYS A 427 15.85 24.86 18.43
C LYS A 427 14.64 23.95 18.58
N LYS A 428 13.89 23.77 17.48
CA LYS A 428 12.77 22.84 17.47
C LYS A 428 13.29 21.41 17.62
N LEU A 429 12.64 20.60 18.45
CA LEU A 429 13.02 19.20 18.55
C LEU A 429 11.86 18.31 18.09
N ALA A 430 12.20 17.11 17.65
CA ALA A 430 11.22 16.09 17.28
C ALA A 430 11.48 14.81 18.04
N TYR A 431 10.44 14.00 18.23
CA TYR A 431 10.59 12.83 19.10
C TYR A 431 9.85 11.60 18.56
N ASN A 432 10.54 10.47 18.58
CA ASN A 432 9.98 9.21 18.10
C ASN A 432 9.30 8.45 19.26
N LEU A 433 7.97 8.46 19.24
CA LEU A 433 7.18 7.69 20.19
C LEU A 433 7.17 6.24 19.73
N SER A 434 8.26 5.52 20.00
CA SER A 434 8.56 4.30 19.26
C SER A 434 7.86 3.06 19.79
N PRO A 435 7.18 2.33 18.88
CA PRO A 435 6.59 1.04 19.24
C PRO A 435 7.65 -0.05 19.26
N SER A 436 8.89 0.30 18.90
CA SER A 436 10.01 -0.58 19.20
C SER A 436 10.23 -0.61 20.71
N PHE A 437 9.56 0.29 21.44
CA PHE A 437 9.56 0.24 22.91
C PHE A 437 8.41 -0.64 23.39
N ASN A 438 8.64 -1.47 24.40
CA ASN A 438 7.52 -2.10 25.06
C ASN A 438 7.00 -1.09 26.05
N TRP A 439 5.92 -0.41 25.69
CA TRP A 439 5.45 0.72 26.51
C TRP A 439 4.88 0.30 27.85
N LYS A 440 4.33 -0.91 27.92
CA LYS A 440 3.72 -1.37 29.16
C LYS A 440 4.78 -1.53 30.27
N THR A 441 5.95 -2.03 29.88
CA THR A 441 7.04 -2.22 30.85
C THR A 441 7.92 -0.98 31.01
N ALA A 442 7.95 -0.13 29.99
CA ALA A 442 8.80 1.06 30.00
C ALA A 442 8.19 2.17 30.87
N MET A 443 6.88 2.10 31.09
CA MET A 443 6.18 3.26 31.63
C MET A 443 4.76 2.94 32.07
N PRO A 444 4.37 3.38 33.27
CA PRO A 444 3.00 3.32 33.78
C PRO A 444 1.99 4.08 32.91
N ARG A 445 0.74 3.64 32.95
CA ARG A 445 -0.32 4.18 32.08
C ARG A 445 -0.62 5.66 32.33
N ASP A 446 -0.52 6.08 33.58
CA ASP A 446 -0.77 7.47 33.93
C ASP A 446 0.28 8.41 33.35
N GLU A 447 1.50 7.90 33.20
CA GLU A 447 2.56 8.69 32.60
C GLU A 447 2.45 8.66 31.08
N GLN A 448 2.05 7.51 30.54
CA GLN A 448 1.81 7.38 29.11
C GLN A 448 0.85 8.45 28.64
N GLU A 449 -0.16 8.74 29.46
CA GLU A 449 -1.16 9.70 29.06
C GLU A 449 -0.60 11.12 29.03
N THR A 450 0.47 11.38 29.80
CA THR A 450 1.00 12.75 29.85
C THR A 450 2.34 12.90 29.14
N TYR A 451 2.93 11.80 28.71
CA TYR A 451 4.28 11.82 28.15
C TYR A 451 4.46 12.84 27.03
N ILE A 452 3.50 12.92 26.13
CA ILE A 452 3.63 13.83 24.99
C ILE A 452 3.62 15.27 25.50
N ARG A 453 2.67 15.61 26.38
CA ARG A 453 2.59 16.96 26.91
C ARG A 453 3.88 17.32 27.66
N ARG A 454 4.39 16.39 28.45
CA ARG A 454 5.60 16.63 29.20
C ARG A 454 6.78 16.86 28.26
N LEU A 455 6.92 16.03 27.22
CA LEU A 455 8.00 16.24 26.25
C LEU A 455 7.87 17.56 25.50
N ALA A 456 6.64 18.01 25.30
CA ALA A 456 6.43 19.25 24.54
C ALA A 456 6.95 20.45 25.32
N LYS A 457 6.94 20.37 26.65
CA LYS A 457 7.45 21.45 27.48
C LYS A 457 8.96 21.64 27.28
N LEU A 458 9.64 20.58 26.83
CA LEU A 458 11.08 20.65 26.61
C LEU A 458 11.40 21.19 25.23
N GLY A 459 10.39 21.31 24.39
CA GLY A 459 10.57 21.79 23.03
C GLY A 459 10.39 20.71 21.97
N TYR A 460 9.90 19.55 22.39
CA TYR A 460 9.55 18.51 21.43
C TYR A 460 8.22 18.84 20.80
N CYS A 461 8.26 19.59 19.69
CA CYS A 461 7.07 20.20 19.15
C CYS A 461 6.45 19.38 18.00
N TRP A 462 7.14 18.34 17.57
CA TRP A 462 6.59 17.37 16.62
C TRP A 462 6.95 15.96 17.06
N GLN A 463 5.94 15.13 17.32
CA GLN A 463 6.18 13.79 17.85
C GLN A 463 5.40 12.78 17.03
N PHE A 464 5.91 11.57 16.90
CA PHE A 464 5.27 10.65 15.96
C PHE A 464 5.44 9.19 16.38
N ILE A 465 4.39 8.39 16.24
CA ILE A 465 4.53 6.96 16.42
C ILE A 465 4.83 6.33 15.05
N THR A 466 6.10 6.03 14.81
CA THR A 466 6.58 5.60 13.50
C THR A 466 5.73 4.49 12.88
N LEU A 467 5.48 3.43 13.65
CA LEU A 467 4.88 2.21 13.10
C LEU A 467 3.40 1.96 13.47
N ALA A 468 2.66 2.98 13.90
CA ALA A 468 1.29 2.71 14.35
C ALA A 468 0.41 2.26 13.16
N GLY A 469 0.74 2.74 11.97
CA GLY A 469 0.01 2.31 10.78
C GLY A 469 0.09 0.81 10.62
N LEU A 470 1.32 0.30 10.61
CA LEU A 470 1.61 -1.13 10.61
C LEU A 470 0.82 -1.91 11.67
N HIS A 471 0.96 -1.50 12.92
CA HIS A 471 0.40 -2.27 14.03
C HIS A 471 -1.14 -2.19 14.14
N THR A 472 -1.73 -1.03 13.88
CA THR A 472 -3.19 -0.93 13.84
C THR A 472 -3.75 -1.87 12.76
N THR A 473 -3.18 -1.80 11.56
CA THR A 473 -3.63 -2.67 10.47
C THR A 473 -3.40 -4.14 10.83
N ALA A 474 -2.27 -4.43 11.47
CA ALA A 474 -1.92 -5.82 11.80
C ALA A 474 -2.88 -6.37 12.84
N LEU A 475 -3.17 -5.55 13.83
CA LEU A 475 -4.06 -5.97 14.91
C LEU A 475 -5.48 -6.26 14.42
N ILE A 476 -6.09 -5.30 13.73
CA ILE A 476 -7.48 -5.49 13.31
C ILE A 476 -7.58 -6.61 12.27
N SER A 477 -6.51 -6.82 11.50
CA SER A 477 -6.50 -7.87 10.49
C SER A 477 -6.41 -9.26 11.10
N ASP A 478 -5.58 -9.41 12.12
CA ASP A 478 -5.49 -10.68 12.84
C ASP A 478 -6.82 -10.95 13.52
N GLN A 479 -7.36 -9.94 14.18
CA GLN A 479 -8.61 -10.10 14.93
C GLN A 479 -9.78 -10.48 14.01
N PHE A 480 -9.95 -9.76 12.91
CA PHE A 480 -11.09 -10.01 12.03
C PHE A 480 -10.93 -11.28 11.24
N ALA A 481 -9.76 -11.51 10.67
CA ALA A 481 -9.58 -12.71 9.86
C ALA A 481 -9.77 -13.96 10.72
N LYS A 482 -9.34 -13.92 11.98
CA LYS A 482 -9.51 -15.07 12.86
C LYS A 482 -10.99 -15.35 13.11
N ALA A 483 -11.70 -14.34 13.60
CA ALA A 483 -13.11 -14.47 13.90
C ALA A 483 -13.91 -14.82 12.66
N TYR A 484 -13.59 -14.15 11.55
CA TYR A 484 -14.24 -14.44 10.27
C TYR A 484 -14.09 -15.91 9.91
N SER A 485 -12.91 -16.47 10.14
CA SER A 485 -12.65 -17.86 9.80
C SER A 485 -13.48 -18.82 10.66
N THR A 486 -14.05 -18.33 11.76
CA THR A 486 -14.74 -19.23 12.68
C THR A 486 -16.25 -18.99 12.72
N VAL A 487 -16.71 -17.75 12.69
CA VAL A 487 -18.15 -17.50 12.74
C VAL A 487 -18.65 -16.75 11.51
N GLY A 488 -17.83 -16.70 10.47
CA GLY A 488 -18.22 -16.15 9.18
C GLY A 488 -18.73 -14.72 9.22
N MET A 489 -19.86 -14.47 8.55
CA MET A 489 -20.39 -13.12 8.43
C MET A 489 -20.79 -12.48 9.76
N ARG A 490 -21.02 -13.29 10.80
CA ARG A 490 -21.33 -12.72 12.10
C ARG A 490 -20.15 -11.86 12.57
N ALA A 491 -18.93 -12.32 12.28
CA ALA A 491 -17.73 -11.58 12.61
C ALA A 491 -17.74 -10.22 11.93
N TYR A 492 -18.23 -10.16 10.70
CA TYR A 492 -18.23 -8.90 9.96
C TYR A 492 -19.22 -7.88 10.54
N GLY A 493 -20.39 -8.35 10.97
CA GLY A 493 -21.36 -7.44 11.55
C GLY A 493 -20.92 -6.96 12.92
N GLU A 494 -20.35 -7.88 13.67
CA GLU A 494 -19.97 -7.63 15.05
C GLU A 494 -18.68 -6.81 15.13
N LEU A 495 -17.64 -7.29 14.48
CA LEU A 495 -16.33 -6.69 14.63
C LEU A 495 -16.08 -5.48 13.73
N VAL A 496 -16.86 -5.33 12.66
CA VAL A 496 -16.55 -4.27 11.69
C VAL A 496 -17.71 -3.32 11.40
N GLN A 497 -18.78 -3.84 10.82
CA GLN A 497 -19.83 -2.99 10.30
C GLN A 497 -20.58 -2.16 11.34
N GLU A 498 -20.91 -2.79 12.46
CA GLU A 498 -21.69 -2.11 13.47
C GLU A 498 -20.87 -1.19 14.39
N PRO A 499 -19.59 -1.52 14.66
CA PRO A 499 -18.82 -0.46 15.31
C PRO A 499 -18.63 0.76 14.38
N GLU A 500 -18.47 0.50 13.08
CA GLU A 500 -18.38 1.57 12.08
C GLU A 500 -19.60 2.47 12.09
N MET A 501 -20.78 1.86 12.10
CA MET A 501 -22.04 2.60 12.09
C MET A 501 -22.17 3.39 13.39
N ASP A 502 -21.72 2.76 14.47
CA ASP A 502 -21.85 3.29 15.82
C ASP A 502 -20.94 4.50 16.04
N GLN A 503 -19.74 4.45 15.47
CA GLN A 503 -18.76 5.52 15.65
C GLN A 503 -18.81 6.51 14.51
N LYS A 504 -19.84 6.35 13.67
CA LYS A 504 -20.05 7.19 12.50
C LYS A 504 -18.80 7.38 11.65
N VAL A 505 -18.20 6.26 11.28
CA VAL A 505 -17.13 6.26 10.30
C VAL A 505 -17.66 6.53 8.88
N ASP A 506 -17.29 7.72 8.41
CA ASP A 506 -17.19 8.09 7.01
C ASP A 506 -17.41 6.99 5.99
N VAL A 507 -16.51 6.02 6.08
CA VAL A 507 -16.27 5.03 5.03
C VAL A 507 -17.42 4.05 4.93
N VAL A 508 -18.23 3.94 5.99
CA VAL A 508 -19.32 2.97 6.01
C VAL A 508 -20.24 3.18 4.80
N LYS A 509 -20.46 4.44 4.43
CA LYS A 509 -21.17 4.79 3.20
C LYS A 509 -20.13 4.84 2.08
N HIS A 510 -19.66 3.67 1.67
CA HIS A 510 -18.41 3.61 0.94
C HIS A 510 -18.49 4.24 -0.45
N GLN A 511 -19.66 4.18 -1.09
CA GLN A 511 -19.83 4.79 -2.41
C GLN A 511 -19.63 6.29 -2.34
N LYS A 512 -20.29 6.92 -1.39
CA LYS A 512 -20.15 8.37 -1.18
C LYS A 512 -18.73 8.74 -0.76
N TRP A 513 -18.19 8.04 0.24
CA TRP A 513 -16.85 8.35 0.77
C TRP A 513 -15.82 8.36 -0.36
N SER A 514 -15.93 7.37 -1.24
CA SER A 514 -15.02 7.22 -2.38
C SER A 514 -15.19 8.26 -3.49
N GLY A 515 -16.23 9.08 -3.43
CA GLY A 515 -16.40 10.16 -4.40
C GLY A 515 -17.39 9.90 -5.52
N ALA A 516 -18.29 8.93 -5.33
CA ALA A 516 -19.29 8.58 -6.36
C ALA A 516 -20.13 9.80 -6.75
N THR A 517 -20.52 10.59 -5.76
CA THR A 517 -21.30 11.79 -6.05
C THR A 517 -20.45 12.83 -6.78
N TYR A 518 -19.23 13.03 -6.28
CA TYR A 518 -18.28 13.92 -6.95
C TYR A 518 -18.23 13.62 -8.45
N VAL A 519 -17.89 12.38 -8.80
CA VAL A 519 -17.68 12.05 -10.20
C VAL A 519 -18.98 12.03 -11.01
N ASP A 520 -20.07 11.58 -10.39
CA ASP A 520 -21.37 11.61 -11.03
C ASP A 520 -21.69 13.03 -11.50
N GLU A 521 -21.42 14.00 -10.63
CA GLU A 521 -21.67 15.40 -10.94
C GLU A 521 -20.71 15.91 -12.04
N LEU A 522 -19.48 15.41 -12.05
CA LEU A 522 -18.54 15.68 -13.14
C LEU A 522 -19.06 15.22 -14.50
N GLN A 523 -19.54 13.98 -14.53
CA GLN A 523 -20.12 13.39 -15.74
C GLN A 523 -21.28 14.23 -16.26
N LYS A 524 -22.18 14.62 -15.36
CA LYS A 524 -23.36 15.39 -15.74
C LYS A 524 -22.93 16.71 -16.37
N MET A 525 -21.87 17.29 -15.83
CA MET A 525 -21.34 18.55 -16.33
C MET A 525 -20.78 18.46 -17.75
N VAL A 526 -20.11 17.37 -18.10
CA VAL A 526 -19.47 17.29 -19.42
C VAL A 526 -20.28 16.50 -20.43
N THR A 527 -21.55 16.26 -20.11
CA THR A 527 -22.38 15.42 -20.96
C THR A 527 -23.65 16.20 -21.33
N GLY A 528 -24.24 16.87 -20.33
CA GLY A 528 -25.41 17.71 -20.52
C GLY A 528 -25.24 19.07 -19.88
N ASN B 12 16.67 -27.15 -42.11
CA ASN B 12 16.58 -26.22 -40.98
C ASN B 12 15.12 -25.87 -40.73
N PRO B 13 14.27 -26.13 -41.73
CA PRO B 13 12.82 -25.98 -41.58
C PRO B 13 12.15 -27.31 -41.35
N ASP B 14 13.00 -28.31 -41.58
CA ASP B 14 12.76 -29.65 -41.07
C ASP B 14 12.48 -29.57 -39.57
N ILE B 15 13.47 -29.12 -38.82
CA ILE B 15 13.44 -28.95 -37.37
C ILE B 15 12.31 -28.05 -36.93
N GLU B 16 12.13 -26.98 -37.69
CA GLU B 16 11.06 -26.03 -37.44
C GLU B 16 9.72 -26.77 -37.31
N ASP B 17 9.38 -27.60 -38.31
CA ASP B 17 8.13 -28.35 -38.25
C ASP B 17 8.10 -29.41 -37.14
N GLU B 18 9.19 -30.13 -36.90
CA GLU B 18 9.21 -31.11 -35.81
C GLU B 18 9.02 -30.45 -34.45
N LEU B 19 9.74 -29.35 -34.20
CA LEU B 19 9.59 -28.61 -32.95
C LEU B 19 8.16 -28.18 -32.75
N PHE B 20 7.53 -27.72 -33.84
CA PHE B 20 6.12 -27.33 -33.78
C PHE B 20 5.23 -28.50 -33.39
N GLN B 21 5.40 -29.62 -34.09
CA GLN B 21 4.53 -30.77 -33.87
C GLN B 21 4.68 -31.34 -32.47
N LYS B 22 5.92 -31.42 -32.00
CA LYS B 22 6.20 -31.93 -30.67
C LYS B 22 5.55 -31.05 -29.58
N GLU B 23 5.68 -29.74 -29.75
CA GLU B 23 5.07 -28.80 -28.80
C GLU B 23 3.54 -28.83 -28.87
N VAL B 24 2.99 -29.04 -30.07
CA VAL B 24 1.54 -29.21 -30.21
C VAL B 24 1.11 -30.45 -29.42
N GLU B 25 1.90 -31.52 -29.55
CA GLU B 25 1.62 -32.76 -28.82
C GLU B 25 1.68 -32.55 -27.31
N ALA B 26 2.67 -31.79 -26.84
CA ALA B 26 2.76 -31.45 -25.42
C ALA B 26 1.56 -30.65 -24.95
N VAL B 27 1.06 -29.74 -25.78
CA VAL B 27 -0.11 -28.95 -25.38
C VAL B 27 -1.38 -29.81 -25.30
N LYS B 28 -1.54 -30.74 -26.25
CA LYS B 28 -2.71 -31.62 -26.26
C LYS B 28 -2.73 -32.52 -25.04
N THR B 29 -1.55 -33.02 -24.66
CA THR B 29 -1.42 -33.82 -23.45
C THR B 29 -1.82 -33.01 -22.24
N TRP B 30 -1.32 -31.78 -22.16
CA TRP B 30 -1.68 -30.89 -21.07
C TRP B 30 -3.19 -30.67 -21.04
N TRP B 31 -3.77 -30.43 -22.20
CA TRP B 31 -5.20 -30.14 -22.29
C TRP B 31 -6.08 -31.34 -21.92
N SER B 32 -5.53 -32.55 -22.02
CA SER B 32 -6.29 -33.73 -21.63
C SER B 32 -6.25 -33.99 -20.11
N ASP B 33 -5.47 -33.19 -19.38
CA ASP B 33 -5.42 -33.27 -17.92
C ASP B 33 -6.75 -32.89 -17.29
N SER B 34 -7.09 -33.52 -16.16
CA SER B 34 -8.40 -33.36 -15.55
C SER B 34 -8.74 -31.91 -15.18
N ARG B 35 -7.74 -31.06 -15.04
CA ARG B 35 -7.96 -29.63 -14.83
C ARG B 35 -8.95 -29.06 -15.86
N TRP B 36 -8.95 -29.62 -17.06
CA TRP B 36 -9.68 -29.07 -18.19
C TRP B 36 -10.96 -29.81 -18.59
N ARG B 37 -11.40 -30.77 -17.78
CA ARG B 37 -12.47 -31.66 -18.22
C ARG B 37 -13.79 -30.94 -18.39
N GLN B 38 -13.99 -29.84 -17.68
CA GLN B 38 -15.21 -29.06 -17.87
C GLN B 38 -15.00 -27.89 -18.83
N THR B 39 -13.85 -27.84 -19.49
CA THR B 39 -13.49 -26.66 -20.28
C THR B 39 -13.64 -26.87 -21.78
N LYS B 40 -14.41 -25.98 -22.41
CA LYS B 40 -14.51 -25.96 -23.86
C LYS B 40 -13.55 -24.93 -24.46
N ARG B 41 -12.66 -25.38 -25.33
CA ARG B 41 -11.77 -24.49 -26.07
C ARG B 41 -12.20 -24.42 -27.53
N PRO B 42 -12.55 -23.22 -28.01
CA PRO B 42 -12.98 -23.11 -29.41
C PRO B 42 -11.80 -22.81 -30.33
N PHE B 43 -10.63 -23.33 -29.98
CA PHE B 43 -9.44 -23.19 -30.83
C PHE B 43 -8.58 -24.43 -30.62
N THR B 44 -7.57 -24.62 -31.46
CA THR B 44 -6.76 -25.83 -31.42
C THR B 44 -5.40 -25.60 -30.80
N ALA B 45 -4.72 -26.69 -30.46
CA ALA B 45 -3.36 -26.64 -29.95
C ALA B 45 -2.44 -26.04 -30.99
N GLU B 46 -2.67 -26.38 -32.26
CA GLU B 46 -1.87 -25.85 -33.37
C GLU B 46 -1.93 -24.33 -33.44
N GLN B 47 -3.13 -23.78 -33.26
CA GLN B 47 -3.29 -22.33 -33.28
C GLN B 47 -2.61 -21.67 -32.09
N ILE B 48 -2.62 -22.34 -30.95
CA ILE B 48 -1.98 -21.81 -29.75
C ILE B 48 -0.47 -21.80 -29.90
N VAL B 49 0.10 -22.96 -30.25
CA VAL B 49 1.52 -23.13 -30.32
C VAL B 49 2.15 -22.20 -31.35
N SER B 50 1.43 -21.93 -32.44
CA SER B 50 1.94 -21.06 -33.48
C SER B 50 1.89 -19.58 -33.06
N LYS B 51 1.31 -19.31 -31.89
CA LYS B 51 1.34 -17.97 -31.31
C LYS B 51 2.48 -17.83 -30.33
N ARG B 52 3.17 -18.94 -30.06
CA ARG B 52 4.26 -18.92 -29.10
C ARG B 52 5.58 -18.55 -29.75
N GLY B 53 6.56 -18.22 -28.91
CA GLY B 53 7.93 -18.05 -29.35
C GLY B 53 8.70 -19.30 -28.99
N TYR B 54 10.00 -19.15 -28.77
CA TYR B 54 10.88 -20.28 -28.52
C TYR B 54 11.53 -20.23 -27.13
N LEU B 55 11.01 -19.40 -26.23
CA LEU B 55 11.52 -19.36 -24.87
C LEU B 55 10.38 -19.54 -23.89
N PRO B 56 9.97 -20.79 -23.68
CA PRO B 56 8.85 -21.06 -22.79
C PRO B 56 9.19 -20.68 -21.36
N ILE B 57 8.21 -20.14 -20.65
CA ILE B 57 8.35 -19.73 -19.26
C ILE B 57 7.28 -20.42 -18.41
N ASP B 58 7.68 -21.05 -17.31
CA ASP B 58 6.66 -21.49 -16.35
C ASP B 58 6.56 -20.43 -15.27
N TYR B 59 5.48 -19.67 -15.32
CA TYR B 59 5.27 -18.55 -14.42
C TYR B 59 4.98 -19.01 -12.99
N ALA B 60 5.55 -18.30 -12.03
CA ALA B 60 5.31 -18.58 -10.62
C ALA B 60 3.83 -18.70 -10.30
N SER B 61 3.03 -17.86 -10.93
CA SER B 61 1.58 -17.84 -10.67
C SER B 61 0.95 -19.19 -11.03
N ASN B 62 1.55 -19.93 -11.95
CA ASN B 62 1.03 -21.24 -12.36
C ASN B 62 0.94 -22.20 -11.18
N THR B 63 1.96 -22.17 -10.33
CA THR B 63 1.97 -22.99 -9.13
C THR B 63 0.76 -22.62 -8.30
N GLN B 64 0.41 -21.35 -8.28
CA GLN B 64 -0.68 -20.92 -7.41
C GLN B 64 -2.03 -21.22 -8.03
N ALA B 65 -2.09 -21.13 -9.36
CA ALA B 65 -3.31 -21.50 -10.08
C ALA B 65 -3.65 -22.96 -9.78
N LYS B 66 -2.64 -23.83 -9.89
CA LYS B 66 -2.82 -25.26 -9.60
C LYS B 66 -3.25 -25.48 -8.15
N LYS B 67 -2.72 -24.69 -7.24
CA LYS B 67 -3.09 -24.80 -5.85
C LYS B 67 -4.53 -24.37 -5.66
N LEU B 68 -4.93 -23.28 -6.31
CA LEU B 68 -6.30 -22.79 -6.18
C LEU B 68 -7.31 -23.80 -6.74
N TRP B 69 -6.97 -24.39 -7.88
CA TRP B 69 -7.84 -25.39 -8.50
C TRP B 69 -8.13 -26.55 -7.56
N LYS B 70 -7.08 -27.12 -6.93
CA LYS B 70 -7.28 -28.23 -5.98
C LYS B 70 -8.16 -27.83 -4.80
N ILE B 71 -8.00 -26.61 -4.33
CA ILE B 71 -8.78 -26.12 -3.20
C ILE B 71 -10.25 -26.06 -3.57
N LEU B 72 -10.57 -25.39 -4.68
CA LEU B 72 -11.94 -25.18 -5.08
C LEU B 72 -12.59 -26.50 -5.52
N GLU B 73 -11.80 -27.38 -6.12
CA GLU B 73 -12.30 -28.71 -6.44
C GLU B 73 -12.71 -29.42 -5.15
N HIS B 74 -11.80 -29.38 -4.17
CA HIS B 74 -12.07 -29.95 -2.87
C HIS B 74 -13.35 -29.38 -2.26
N ARG B 75 -13.45 -28.05 -2.19
CA ARG B 75 -14.64 -27.41 -1.59
C ARG B 75 -15.95 -27.79 -2.29
N PHE B 76 -15.95 -27.72 -3.62
CA PHE B 76 -17.19 -27.97 -4.34
C PHE B 76 -17.62 -29.42 -4.12
N GLU B 77 -16.67 -30.35 -4.14
CA GLU B 77 -16.99 -31.76 -3.93
C GLU B 77 -17.62 -32.03 -2.56
N ASN B 78 -17.14 -31.33 -1.54
CA ASN B 78 -17.67 -31.50 -0.18
C ASN B 78 -18.77 -30.51 0.13
N ARG B 79 -19.18 -29.76 -0.88
CA ARG B 79 -20.19 -28.73 -0.71
C ARG B 79 -19.84 -27.82 0.47
N ASP B 80 -18.56 -27.46 0.52
CA ASP B 80 -18.07 -26.47 1.43
C ASP B 80 -17.59 -25.25 0.65
N ALA B 81 -17.07 -24.27 1.36
CA ALA B 81 -16.62 -23.05 0.74
C ALA B 81 -15.27 -22.61 1.29
N SER B 82 -14.41 -22.13 0.41
CA SER B 82 -13.31 -21.26 0.85
C SER B 82 -13.85 -19.85 0.83
N TYR B 83 -13.53 -19.07 1.84
CA TYR B 83 -13.95 -17.68 1.83
C TYR B 83 -12.86 -16.75 2.32
N THR B 84 -12.88 -15.52 1.84
CA THR B 84 -11.78 -14.59 2.09
C THR B 84 -12.34 -13.16 2.01
N TYR B 85 -11.45 -12.19 1.82
CA TYR B 85 -11.90 -10.82 1.58
C TYR B 85 -10.85 -9.98 0.86
N GLY B 86 -11.23 -8.79 0.42
CA GLY B 86 -10.35 -7.93 -0.36
C GLY B 86 -9.19 -7.43 0.48
N CYS B 87 -7.97 -7.74 0.04
CA CYS B 87 -6.77 -7.35 0.77
C CYS B 87 -6.15 -6.07 0.23
N LEU B 88 -5.89 -5.11 1.12
CA LEU B 88 -5.29 -3.82 0.76
C LEU B 88 -3.78 -3.86 0.48
N GLU B 89 -3.02 -4.51 1.36
CA GLU B 89 -1.56 -4.39 1.33
C GLU B 89 -0.87 -5.54 2.09
N PRO B 90 0.48 -5.60 2.06
CA PRO B 90 1.13 -6.79 2.63
C PRO B 90 0.94 -7.06 4.13
N THR B 91 0.87 -6.04 4.97
CA THR B 91 0.64 -6.29 6.39
C THR B 91 -0.64 -7.14 6.55
N MET B 92 -1.72 -6.65 5.96
CA MET B 92 -2.98 -7.39 5.96
C MET B 92 -2.80 -8.83 5.46
N VAL B 93 -2.02 -9.02 4.40
CA VAL B 93 -2.00 -10.33 3.74
C VAL B 93 -1.25 -11.35 4.60
N THR B 94 -0.29 -10.89 5.42
CA THR B 94 0.49 -11.80 6.26
C THR B 94 -0.33 -12.28 7.46
N GLN B 95 -1.35 -11.51 7.84
CA GLN B 95 -2.25 -11.89 8.92
C GLN B 95 -3.38 -12.77 8.39
N MET B 96 -3.95 -12.39 7.25
CA MET B 96 -4.97 -13.19 6.58
C MET B 96 -4.45 -14.60 6.36
N ALA B 97 -3.16 -14.70 6.04
CA ALA B 97 -2.54 -15.98 5.71
C ALA B 97 -2.69 -17.02 6.82
N LYS B 98 -2.88 -16.56 8.05
CA LYS B 98 -3.03 -17.47 9.18
C LYS B 98 -4.36 -18.25 9.14
N TYR B 99 -5.41 -17.62 8.65
CA TYR B 99 -6.76 -18.18 8.81
C TYR B 99 -7.56 -18.39 7.52
N LEU B 100 -7.12 -17.76 6.43
CA LEU B 100 -7.88 -17.82 5.17
C LEU B 100 -7.01 -18.46 4.11
N ASP B 101 -7.55 -19.36 3.29
CA ASP B 101 -6.67 -20.07 2.35
C ASP B 101 -6.56 -19.44 0.97
N THR B 102 -7.27 -18.34 0.73
CA THR B 102 -7.11 -17.60 -0.51
C THR B 102 -7.10 -16.12 -0.24
N VAL B 103 -6.69 -15.34 -1.23
CA VAL B 103 -6.67 -13.89 -1.11
C VAL B 103 -7.47 -13.29 -2.25
N TYR B 104 -8.28 -12.28 -1.95
CA TYR B 104 -8.99 -11.56 -2.99
C TYR B 104 -8.40 -10.16 -3.15
N VAL B 105 -8.14 -9.78 -4.40
CA VAL B 105 -7.74 -8.41 -4.74
C VAL B 105 -8.89 -7.72 -5.49
N SER B 106 -9.39 -6.63 -4.89
CA SER B 106 -10.60 -5.96 -5.30
C SER B 106 -10.37 -4.73 -6.16
N GLY B 107 -11.12 -4.64 -7.27
CA GLY B 107 -11.03 -3.52 -8.18
C GLY B 107 -11.57 -2.28 -7.50
N TRP B 108 -12.60 -2.47 -6.68
CA TRP B 108 -13.20 -1.38 -5.93
C TRP B 108 -12.17 -0.77 -5.01
N GLN B 109 -11.52 -1.63 -4.22
CA GLN B 109 -10.51 -1.15 -3.25
C GLN B 109 -9.35 -0.52 -4.01
N SER B 110 -8.98 -1.12 -5.14
CA SER B 110 -7.88 -0.58 -5.94
C SER B 110 -8.19 0.83 -6.46
N SER B 111 -9.44 1.10 -6.81
CA SER B 111 -9.78 2.41 -7.33
C SER B 111 -9.59 3.51 -6.30
N SER B 112 -9.95 3.22 -5.05
CA SER B 112 -9.82 4.22 -4.00
C SER B 112 -8.46 4.22 -3.28
N THR B 113 -7.61 3.25 -3.59
CA THR B 113 -6.50 2.90 -2.71
C THR B 113 -5.19 2.54 -3.42
N ALA B 114 -5.24 2.23 -4.72
CA ALA B 114 -4.07 1.65 -5.38
C ALA B 114 -3.99 1.90 -6.87
N SER B 115 -4.60 2.98 -7.38
CA SER B 115 -4.44 3.26 -8.81
C SER B 115 -2.97 3.38 -9.20
N ALA B 116 -2.61 2.75 -10.32
CA ALA B 116 -1.22 2.81 -10.79
C ALA B 116 -0.77 4.25 -11.10
N SER B 117 -1.71 5.17 -11.20
CA SER B 117 -1.33 6.56 -11.41
C SER B 117 -1.56 7.41 -10.17
N ASP B 118 -1.91 6.76 -9.06
CA ASP B 118 -2.18 7.42 -7.76
C ASP B 118 -3.40 8.34 -7.75
N GLU B 119 -4.14 8.38 -8.85
CA GLU B 119 -5.39 9.14 -8.85
C GLU B 119 -6.55 8.23 -8.42
N PRO B 120 -7.11 8.50 -7.24
CA PRO B 120 -8.22 7.69 -6.72
C PRO B 120 -9.55 8.08 -7.35
N GLY B 121 -10.62 7.46 -6.85
CA GLY B 121 -11.98 7.83 -7.23
C GLY B 121 -12.87 6.61 -7.11
N PRO B 122 -14.17 6.79 -7.39
CA PRO B 122 -15.13 5.69 -7.26
C PRO B 122 -14.90 4.55 -8.24
N ASP B 123 -15.55 3.43 -7.94
CA ASP B 123 -15.39 2.18 -8.67
C ASP B 123 -15.92 2.21 -10.13
N LEU B 124 -15.09 2.69 -11.05
CA LEU B 124 -15.52 2.87 -12.44
C LEU B 124 -14.62 2.14 -13.43
N ALA B 125 -13.63 1.41 -12.91
CA ALA B 125 -12.63 0.75 -13.73
C ALA B 125 -12.00 1.71 -14.75
N ASP B 126 -11.79 2.97 -14.34
CA ASP B 126 -11.13 3.95 -15.20
C ASP B 126 -9.73 4.36 -14.69
N TYR B 127 -9.13 3.53 -13.85
CA TYR B 127 -7.69 3.62 -13.57
C TYR B 127 -6.98 2.95 -14.74
N PRO B 128 -5.66 3.16 -14.89
CA PRO B 128 -4.94 2.43 -15.94
C PRO B 128 -4.95 0.94 -15.63
N TYR B 129 -4.83 0.05 -16.61
CA TYR B 129 -5.21 -1.33 -16.32
C TYR B 129 -4.09 -2.10 -15.62
N THR B 130 -2.95 -1.43 -15.44
CA THR B 130 -1.85 -1.99 -14.65
C THR B 130 -2.25 -2.09 -13.20
N THR B 131 -3.23 -1.29 -12.80
CA THR B 131 -3.59 -1.12 -11.40
C THR B 131 -3.79 -2.43 -10.63
N VAL B 132 -4.77 -3.23 -11.03
CA VAL B 132 -5.04 -4.42 -10.24
C VAL B 132 -3.93 -5.48 -10.37
N PRO B 133 -3.35 -5.67 -11.57
CA PRO B 133 -2.18 -6.56 -11.62
C PRO B 133 -1.00 -6.13 -10.75
N ASN B 134 -0.74 -4.83 -10.65
CA ASN B 134 0.35 -4.35 -9.80
C ASN B 134 0.09 -4.72 -8.34
N LYS B 135 -1.16 -4.60 -7.91
CA LYS B 135 -1.53 -4.90 -6.54
C LYS B 135 -1.35 -6.38 -6.29
N VAL B 136 -1.64 -7.19 -7.30
CA VAL B 136 -1.41 -8.63 -7.18
C VAL B 136 0.08 -8.88 -6.96
N GLY B 137 0.93 -8.23 -7.74
CA GLY B 137 2.35 -8.41 -7.60
C GLY B 137 2.84 -7.91 -6.25
N HIS B 138 2.23 -6.82 -5.78
CA HIS B 138 2.49 -6.25 -4.46
C HIS B 138 2.34 -7.30 -3.36
N LEU B 139 1.16 -7.92 -3.29
CA LEU B 139 0.89 -8.94 -2.29
C LEU B 139 1.71 -10.21 -2.50
N PHE B 140 1.76 -10.67 -3.74
CA PHE B 140 2.42 -11.93 -4.05
C PHE B 140 3.90 -11.88 -3.68
N MET B 141 4.56 -10.78 -4.03
CA MET B 141 5.99 -10.66 -3.77
C MET B 141 6.23 -10.69 -2.27
N ALA B 142 5.28 -10.13 -1.52
CA ALA B 142 5.35 -10.14 -0.07
C ALA B 142 5.15 -11.55 0.48
N GLN B 143 4.23 -12.30 -0.10
CA GLN B 143 3.99 -13.68 0.32
C GLN B 143 5.27 -14.49 0.15
N LEU B 144 5.90 -14.33 -1.02
CA LEU B 144 7.09 -15.09 -1.32
C LEU B 144 8.18 -14.79 -0.28
N PHE B 145 8.28 -13.53 0.13
CA PHE B 145 9.31 -13.11 1.07
C PHE B 145 9.12 -13.76 2.44
N HIS B 146 7.89 -13.71 2.94
CA HIS B 146 7.61 -14.21 4.27
C HIS B 146 7.74 -15.72 4.28
N ASP B 147 7.44 -16.36 3.17
CA ASP B 147 7.69 -17.78 2.98
C ASP B 147 9.17 -18.12 3.14
N ARG B 148 10.05 -17.36 2.49
CA ARG B 148 11.50 -17.55 2.67
C ARG B 148 11.92 -17.31 4.11
N LYS B 149 11.54 -16.15 4.63
CA LYS B 149 11.77 -15.78 6.03
C LYS B 149 11.46 -16.95 6.96
N GLN B 150 10.25 -17.50 6.85
CA GLN B 150 9.82 -18.57 7.76
C GLN B 150 10.59 -19.87 7.58
N ARG B 151 10.90 -20.25 6.33
CA ARG B 151 11.68 -21.46 6.09
C ARG B 151 13.08 -21.33 6.73
N GLN B 152 13.67 -20.15 6.64
CA GLN B 152 14.98 -19.92 7.24
C GLN B 152 14.90 -20.07 8.76
N GLU B 153 13.85 -19.52 9.36
CA GLU B 153 13.71 -19.59 10.82
C GLU B 153 13.47 -21.01 11.33
N ARG B 154 12.61 -21.75 10.63
CA ARG B 154 12.30 -23.12 11.01
C ARG B 154 13.49 -24.06 10.85
N LEU B 155 14.25 -23.91 9.77
CA LEU B 155 15.36 -24.82 9.50
C LEU B 155 16.61 -24.54 10.32
N SER B 156 16.65 -23.40 11.00
CA SER B 156 17.82 -23.03 11.80
C SER B 156 17.91 -23.86 13.10
N VAL B 157 16.78 -24.37 13.59
CA VAL B 157 16.79 -25.31 14.72
C VAL B 157 16.44 -26.75 14.27
N PRO B 158 16.81 -27.76 15.09
CA PRO B 158 16.41 -29.15 14.82
C PRO B 158 14.90 -29.34 14.86
N LYS B 159 14.36 -30.37 14.21
CA LYS B 159 12.89 -30.49 14.07
C LYS B 159 12.16 -30.65 15.40
N GLU B 160 12.85 -31.13 16.43
CA GLU B 160 12.25 -31.33 17.75
C GLU B 160 11.99 -29.98 18.44
N GLN B 161 12.76 -28.97 18.04
CA GLN B 161 12.61 -27.64 18.59
C GLN B 161 11.70 -26.72 17.75
N ARG B 162 11.02 -27.27 16.74
CA ARG B 162 10.18 -26.46 15.84
C ARG B 162 8.70 -26.34 16.26
N ALA B 163 8.29 -27.15 17.23
CA ALA B 163 6.88 -27.22 17.63
C ALA B 163 6.30 -25.86 18.04
N ASN B 164 7.14 -24.99 18.60
CA ASN B 164 6.67 -23.67 19.04
C ASN B 164 6.88 -22.57 18.01
N LEU B 165 7.48 -22.92 16.88
CA LEU B 165 7.68 -21.95 15.82
C LEU B 165 6.41 -21.83 14.97
N LEU B 166 6.12 -20.61 14.54
CA LEU B 166 5.07 -20.36 13.58
C LEU B 166 5.24 -21.25 12.35
N ASN B 167 4.12 -21.68 11.80
CA ASN B 167 4.11 -22.44 10.56
C ASN B 167 3.01 -21.94 9.64
N ILE B 168 3.09 -20.68 9.25
CA ILE B 168 2.04 -20.02 8.49
C ILE B 168 2.17 -20.36 7.01
N ASP B 169 1.06 -20.66 6.35
CA ASP B 169 1.09 -20.81 4.89
C ASP B 169 0.91 -19.43 4.27
N TYR B 170 2.00 -18.82 3.81
CA TYR B 170 1.88 -17.49 3.21
C TYR B 170 1.47 -17.58 1.74
N LEU B 171 1.58 -18.76 1.15
CA LEU B 171 1.39 -18.90 -0.28
C LEU B 171 -0.08 -19.20 -0.54
N ARG B 172 -0.93 -18.26 -0.14
CA ARG B 172 -2.38 -18.36 -0.35
C ARG B 172 -2.74 -17.80 -1.73
N PRO B 173 -3.29 -18.64 -2.62
CA PRO B 173 -3.61 -18.25 -3.99
C PRO B 173 -4.43 -16.97 -4.06
N ILE B 174 -4.04 -16.08 -4.97
CA ILE B 174 -4.71 -14.81 -5.12
C ILE B 174 -5.72 -14.82 -6.27
N VAL B 175 -6.95 -14.38 -6.00
CA VAL B 175 -7.93 -14.18 -7.06
C VAL B 175 -8.11 -12.69 -7.25
N ALA B 176 -8.01 -12.21 -8.49
CA ALA B 176 -8.03 -10.76 -8.71
C ALA B 176 -9.09 -10.28 -9.70
N ASP B 177 -9.59 -9.07 -9.42
CA ASP B 177 -10.57 -8.34 -10.23
C ASP B 177 -10.03 -7.90 -11.60
N ALA B 178 -10.63 -8.39 -12.68
CA ALA B 178 -10.22 -7.90 -14.01
C ALA B 178 -11.26 -6.97 -14.62
N ASP B 179 -12.24 -6.55 -13.82
CA ASP B 179 -13.26 -5.59 -14.26
C ASP B 179 -14.01 -6.15 -15.48
N THR B 180 -14.05 -5.43 -16.60
CA THR B 180 -14.66 -5.99 -17.83
C THR B 180 -13.60 -6.32 -18.87
N GLY B 181 -12.34 -6.24 -18.46
CA GLY B 181 -11.24 -6.52 -19.37
C GLY B 181 -10.51 -5.31 -19.91
N HIS B 182 -10.95 -4.11 -19.53
CA HIS B 182 -10.27 -2.85 -19.89
C HIS B 182 -10.01 -2.65 -21.39
N GLY B 183 -11.00 -3.01 -22.21
CA GLY B 183 -11.00 -2.63 -23.61
C GLY B 183 -11.51 -3.75 -24.49
N GLY B 184 -10.94 -3.86 -25.68
CA GLY B 184 -11.32 -4.91 -26.60
C GLY B 184 -10.59 -6.19 -26.25
N LEU B 185 -10.73 -7.19 -27.10
CA LEU B 185 -10.17 -8.51 -26.81
C LEU B 185 -8.65 -8.52 -26.69
N THR B 186 -7.95 -7.69 -27.47
CA THR B 186 -6.49 -7.69 -27.36
C THR B 186 -6.06 -7.05 -26.03
N ALA B 187 -6.85 -6.12 -25.51
CA ALA B 187 -6.61 -5.60 -24.17
C ALA B 187 -6.82 -6.69 -23.12
N VAL B 188 -7.89 -7.46 -23.28
CA VAL B 188 -8.19 -8.55 -22.36
C VAL B 188 -7.01 -9.52 -22.26
N MET B 189 -6.39 -9.80 -23.40
CA MET B 189 -5.28 -10.74 -23.45
C MET B 189 -4.03 -10.16 -22.82
N LYS B 190 -3.74 -8.89 -23.09
CA LYS B 190 -2.59 -8.21 -22.47
C LYS B 190 -2.79 -8.08 -20.97
N LEU B 191 -4.02 -7.77 -20.57
CA LEU B 191 -4.34 -7.67 -19.16
C LEU B 191 -4.14 -9.03 -18.49
N THR B 192 -4.64 -10.07 -19.15
CA THR B 192 -4.51 -11.44 -18.63
C THR B 192 -3.04 -11.78 -18.47
N LYS B 193 -2.28 -11.44 -19.50
CA LYS B 193 -0.82 -11.63 -19.51
C LYS B 193 -0.17 -10.99 -18.28
N LEU B 194 -0.49 -9.73 -18.02
CA LEU B 194 0.02 -9.02 -16.86
C LEU B 194 -0.26 -9.76 -15.57
N PHE B 195 -1.52 -10.16 -15.42
CA PHE B 195 -1.97 -10.89 -14.25
C PHE B 195 -1.18 -12.16 -14.02
N ILE B 196 -0.95 -12.90 -15.10
CA ILE B 196 -0.24 -14.16 -14.97
C ILE B 196 1.21 -13.91 -14.60
N GLU B 197 1.80 -12.84 -15.12
CA GLU B 197 3.19 -12.66 -14.77
C GLU B 197 3.28 -12.01 -13.38
N LYS B 198 2.24 -11.32 -12.91
CA LYS B 198 2.30 -10.68 -11.59
C LYS B 198 2.01 -11.62 -10.42
N GLY B 199 1.30 -12.71 -10.67
CA GLY B 199 1.06 -13.72 -9.64
C GLY B 199 -0.38 -14.19 -9.47
N ALA B 200 -1.27 -13.90 -10.41
CA ALA B 200 -2.68 -14.26 -10.18
C ALA B 200 -2.89 -15.77 -10.31
N ALA B 201 -3.60 -16.34 -9.36
CA ALA B 201 -3.99 -17.74 -9.48
C ALA B 201 -5.30 -17.82 -10.27
N GLY B 202 -6.10 -16.77 -10.17
CA GLY B 202 -7.38 -16.71 -10.86
C GLY B 202 -7.80 -15.27 -11.04
N ILE B 203 -8.63 -15.01 -12.05
CA ILE B 203 -9.24 -13.69 -12.22
C ILE B 203 -10.72 -13.79 -12.55
N HIS B 204 -11.48 -12.76 -12.18
CA HIS B 204 -12.88 -12.69 -12.59
C HIS B 204 -13.11 -11.54 -13.56
N ILE B 205 -13.98 -11.76 -14.55
CA ILE B 205 -14.30 -10.73 -15.54
C ILE B 205 -15.81 -10.67 -15.73
N GLU B 206 -16.38 -9.46 -15.76
CA GLU B 206 -17.82 -9.28 -15.70
C GLU B 206 -18.40 -8.75 -17.01
N ASP B 207 -19.67 -9.05 -17.27
CA ASP B 207 -20.25 -8.78 -18.59
C ASP B 207 -20.84 -7.39 -18.74
N GLN B 208 -20.28 -6.40 -18.03
CA GLN B 208 -20.66 -5.02 -18.29
C GLN B 208 -19.82 -4.44 -19.43
N ALA B 209 -20.22 -3.26 -19.89
CA ALA B 209 -19.47 -2.55 -20.92
C ALA B 209 -18.57 -1.52 -20.27
N PRO B 210 -17.32 -1.45 -20.70
CA PRO B 210 -16.40 -0.48 -20.10
C PRO B 210 -16.86 0.98 -20.33
N GLY B 211 -16.45 1.88 -19.45
CA GLY B 211 -16.77 3.28 -19.61
C GLY B 211 -18.20 3.58 -19.24
N THR B 212 -18.92 2.56 -18.78
CA THR B 212 -20.29 2.72 -18.32
C THR B 212 -20.47 2.12 -16.91
N GLY B 220 -28.44 2.64 -13.65
CA GLY B 220 -28.63 1.33 -14.26
C GLY B 220 -27.38 0.84 -14.97
N LYS B 221 -27.00 -0.41 -14.72
CA LYS B 221 -25.82 -0.98 -15.36
C LYS B 221 -26.09 -1.33 -16.81
N VAL B 222 -25.05 -1.26 -17.62
CA VAL B 222 -25.11 -1.57 -19.04
C VAL B 222 -24.36 -2.86 -19.34
N LEU B 223 -25.02 -3.86 -19.88
CA LEU B 223 -24.32 -5.10 -20.22
C LEU B 223 -23.89 -5.12 -21.68
N VAL B 224 -22.99 -6.05 -22.00
CA VAL B 224 -22.60 -6.35 -23.39
C VAL B 224 -23.34 -7.59 -23.84
N PRO B 225 -23.47 -7.79 -25.18
CA PRO B 225 -24.10 -9.02 -25.67
C PRO B 225 -23.40 -10.26 -25.16
N ILE B 226 -24.16 -11.36 -25.07
CA ILE B 226 -23.64 -12.59 -24.52
C ILE B 226 -22.37 -13.04 -25.23
N GLN B 227 -22.36 -12.99 -26.56
CA GLN B 227 -21.21 -13.44 -27.32
C GLN B 227 -19.97 -12.60 -26.98
N GLU B 228 -20.16 -11.34 -26.62
CA GLU B 228 -19.01 -10.49 -26.39
C GLU B 228 -18.31 -10.93 -25.10
N HIS B 229 -19.08 -11.29 -24.09
CA HIS B 229 -18.46 -11.76 -22.86
C HIS B 229 -17.84 -13.13 -23.05
N ILE B 230 -18.50 -13.97 -23.84
CA ILE B 230 -17.95 -15.28 -24.15
C ILE B 230 -16.58 -15.12 -24.79
N ASN B 231 -16.47 -14.17 -25.73
CA ASN B 231 -15.21 -13.88 -26.38
C ASN B 231 -14.16 -13.42 -25.38
N ARG B 232 -14.56 -12.64 -24.40
CA ARG B 232 -13.63 -12.21 -23.35
C ARG B 232 -13.04 -13.44 -22.63
N LEU B 233 -13.92 -14.37 -22.24
CA LEU B 233 -13.49 -15.58 -21.54
C LEU B 233 -12.56 -16.42 -22.39
N VAL B 234 -12.87 -16.55 -23.68
CA VAL B 234 -12.03 -17.31 -24.59
C VAL B 234 -10.65 -16.64 -24.72
N ALA B 235 -10.64 -15.32 -24.73
CA ALA B 235 -9.40 -14.54 -24.85
C ALA B 235 -8.52 -14.78 -23.62
N ILE B 236 -9.13 -14.82 -22.44
CA ILE B 236 -8.42 -15.12 -21.22
C ILE B 236 -7.77 -16.50 -21.31
N ARG B 237 -8.55 -17.49 -21.69
CA ARG B 237 -8.07 -18.86 -21.76
C ARG B 237 -6.94 -18.99 -22.77
N ALA B 238 -7.09 -18.29 -23.88
CA ALA B 238 -6.11 -18.40 -24.93
C ALA B 238 -4.78 -17.86 -24.44
N GLN B 239 -4.81 -16.71 -23.76
CA GLN B 239 -3.56 -16.09 -23.31
C GLN B 239 -2.89 -17.01 -22.28
N ALA B 240 -3.69 -17.56 -21.38
CA ALA B 240 -3.20 -18.54 -20.40
C ALA B 240 -2.55 -19.74 -21.08
N ASP B 241 -3.17 -20.23 -22.16
CA ASP B 241 -2.65 -21.38 -22.90
C ASP B 241 -1.32 -21.08 -23.54
N ILE B 242 -1.21 -19.90 -24.13
CA ILE B 242 0.03 -19.46 -24.74
C ILE B 242 1.14 -19.50 -23.70
N MET B 243 0.80 -19.12 -22.47
CA MET B 243 1.79 -19.01 -21.38
C MET B 243 1.96 -20.30 -20.57
N GLY B 244 1.21 -21.34 -20.91
CA GLY B 244 1.28 -22.59 -20.17
C GLY B 244 0.73 -22.55 -18.74
N SER B 245 -0.26 -21.69 -18.48
CA SER B 245 -0.78 -21.50 -17.13
C SER B 245 -2.15 -22.11 -16.88
N ASP B 246 -2.34 -22.67 -15.68
CA ASP B 246 -3.63 -23.25 -15.29
C ASP B 246 -4.57 -22.23 -14.66
N LEU B 247 -4.26 -20.94 -14.83
CA LEU B 247 -5.09 -19.82 -14.36
C LEU B 247 -6.58 -20.07 -14.41
N LEU B 248 -7.26 -19.85 -13.29
CA LEU B 248 -8.71 -19.99 -13.27
C LEU B 248 -9.40 -18.75 -13.81
N ALA B 249 -10.49 -18.93 -14.54
CA ALA B 249 -11.27 -17.81 -15.02
C ALA B 249 -12.65 -17.82 -14.38
N ILE B 250 -13.02 -16.72 -13.74
CA ILE B 250 -14.35 -16.64 -13.13
C ILE B 250 -15.25 -15.70 -13.90
N ALA B 251 -16.43 -16.15 -14.28
CA ALA B 251 -17.31 -15.28 -15.03
C ALA B 251 -18.36 -14.69 -14.10
N ARG B 252 -18.46 -13.37 -14.11
CA ARG B 252 -19.45 -12.68 -13.32
C ARG B 252 -20.50 -12.08 -14.25
N THR B 253 -21.78 -12.16 -13.87
CA THR B 253 -22.79 -11.47 -14.64
C THR B 253 -23.47 -10.43 -13.77
N ASP B 254 -23.72 -9.27 -14.36
CA ASP B 254 -24.38 -8.20 -13.67
C ASP B 254 -25.83 -8.09 -14.10
N ALA B 255 -26.35 -9.18 -14.68
CA ALA B 255 -27.69 -9.17 -15.24
C ALA B 255 -28.79 -9.09 -14.17
N GLU B 256 -28.48 -9.38 -12.92
CA GLU B 256 -29.56 -9.40 -11.90
C GLU B 256 -30.19 -8.03 -11.71
N ALA B 257 -29.39 -6.98 -11.71
CA ALA B 257 -29.93 -5.64 -11.56
C ALA B 257 -29.75 -4.75 -12.80
N ALA B 258 -28.98 -5.22 -13.78
CA ALA B 258 -28.79 -4.45 -15.01
C ALA B 258 -30.14 -4.06 -15.65
N THR B 259 -30.16 -2.93 -16.34
CA THR B 259 -31.37 -2.47 -16.99
C THR B 259 -31.13 -2.11 -18.45
N LEU B 260 -29.88 -2.26 -18.89
CA LEU B 260 -29.47 -1.79 -20.21
C LEU B 260 -28.55 -2.77 -20.90
N LEU B 261 -28.53 -2.69 -22.23
CA LEU B 261 -27.74 -3.59 -23.06
C LEU B 261 -27.10 -2.80 -24.19
N SER B 262 -25.79 -2.97 -24.37
CA SER B 262 -25.06 -2.13 -25.32
C SER B 262 -25.57 -2.31 -26.76
N THR B 263 -25.70 -3.54 -27.22
CA THR B 263 -26.33 -3.77 -28.51
C THR B 263 -27.16 -5.06 -28.52
N ASN B 264 -27.88 -5.25 -29.61
CA ASN B 264 -28.89 -6.30 -29.67
C ASN B 264 -28.62 -7.41 -30.67
N ILE B 265 -27.36 -7.57 -31.12
CA ILE B 265 -27.07 -8.54 -32.17
C ILE B 265 -27.00 -10.00 -31.73
N ASP B 266 -27.06 -10.27 -30.43
CA ASP B 266 -27.03 -11.66 -29.98
C ASP B 266 -28.44 -12.17 -29.65
N PRO B 267 -28.92 -13.15 -30.44
CA PRO B 267 -30.28 -13.71 -30.32
C PRO B 267 -30.57 -14.29 -28.95
N ARG B 268 -29.53 -14.77 -28.27
CA ARG B 268 -29.69 -15.34 -26.94
C ARG B 268 -30.12 -14.26 -25.96
N ASP B 269 -29.93 -13.00 -26.34
CA ASP B 269 -30.38 -11.87 -25.54
C ASP B 269 -31.83 -11.45 -25.83
N HIS B 270 -32.38 -11.88 -26.95
CA HIS B 270 -33.63 -11.27 -27.45
C HIS B 270 -34.81 -11.46 -26.53
N ALA B 271 -34.85 -12.59 -25.83
CA ALA B 271 -35.88 -12.82 -24.83
C ALA B 271 -35.89 -11.77 -23.71
N PHE B 272 -34.81 -11.01 -23.53
CA PHE B 272 -34.76 -10.07 -22.40
C PHE B 272 -34.64 -8.61 -22.83
N ILE B 273 -34.78 -8.36 -24.13
CA ILE B 273 -34.79 -6.99 -24.61
C ILE B 273 -36.21 -6.43 -24.64
N LEU B 274 -36.40 -5.30 -23.97
CA LEU B 274 -37.72 -4.68 -23.86
C LEU B 274 -38.00 -3.76 -25.03
N GLY B 275 -39.19 -3.88 -25.59
CA GLY B 275 -39.59 -3.02 -26.68
C GLY B 275 -40.82 -2.21 -26.30
N SER B 276 -41.04 -1.14 -27.05
CA SER B 276 -42.26 -0.36 -26.91
C SER B 276 -43.43 -1.04 -27.61
N THR B 277 -44.58 -1.10 -26.93
CA THR B 277 -45.80 -1.65 -27.52
C THR B 277 -46.82 -0.55 -27.81
N ASN B 278 -46.38 0.70 -27.69
CA ASN B 278 -47.24 1.88 -27.90
C ASN B 278 -46.85 2.64 -29.16
N SER B 279 -47.63 2.44 -30.22
CA SER B 279 -47.33 3.01 -31.53
C SER B 279 -47.60 4.51 -31.67
N THR B 280 -48.16 5.14 -30.62
CA THR B 280 -48.40 6.59 -30.70
C THR B 280 -47.13 7.39 -30.42
N LEU B 281 -46.22 6.79 -29.66
CA LEU B 281 -45.03 7.51 -29.16
C LEU B 281 -44.03 7.83 -30.27
N LYS B 282 -43.49 9.04 -30.22
CA LYS B 282 -42.34 9.39 -31.02
C LYS B 282 -41.13 8.75 -30.34
N PRO B 283 -40.15 8.27 -31.14
CA PRO B 283 -38.93 7.68 -30.58
C PRO B 283 -38.29 8.53 -29.47
N LEU B 284 -37.86 7.87 -28.41
CA LEU B 284 -37.38 8.56 -27.21
C LEU B 284 -36.19 9.51 -27.49
N ASN B 285 -35.20 9.03 -28.20
CA ASN B 285 -34.05 9.86 -28.49
C ASN B 285 -34.42 11.14 -29.27
N ASP B 286 -35.19 10.98 -30.35
CA ASP B 286 -35.67 12.13 -31.12
C ASP B 286 -36.36 13.14 -30.22
N LEU B 287 -37.08 12.63 -29.23
CA LEU B 287 -37.86 13.46 -28.31
C LEU B 287 -36.97 14.24 -27.35
N MET B 288 -36.06 13.53 -26.69
CA MET B 288 -35.12 14.12 -25.75
C MET B 288 -34.21 15.13 -26.45
N ILE B 289 -33.79 14.82 -27.67
CA ILE B 289 -32.97 15.74 -28.44
C ILE B 289 -33.74 17.05 -28.65
N ALA B 290 -34.95 16.95 -29.18
CA ALA B 290 -35.78 18.12 -29.42
C ALA B 290 -36.06 18.90 -28.13
N ALA B 291 -36.26 18.17 -27.03
CA ALA B 291 -36.60 18.80 -25.76
C ALA B 291 -35.42 19.49 -25.09
N GLU B 292 -34.19 19.09 -25.45
CA GLU B 292 -33.01 19.69 -24.84
C GLU B 292 -32.72 21.05 -25.50
N ALA B 293 -33.08 21.15 -26.78
CA ALA B 293 -32.93 22.40 -27.51
C ALA B 293 -33.79 23.49 -26.90
N THR B 294 -35.00 23.12 -26.49
CA THR B 294 -35.97 24.07 -25.93
C THR B 294 -35.59 24.57 -24.52
N GLY B 295 -34.33 24.42 -24.13
CA GLY B 295 -33.87 24.94 -22.85
C GLY B 295 -34.12 23.99 -21.69
N LYS B 296 -35.34 23.46 -21.64
CA LYS B 296 -35.76 22.39 -20.72
C LYS B 296 -34.60 21.47 -20.34
N SER B 297 -34.34 21.29 -19.04
CA SER B 297 -33.24 20.43 -18.64
C SER B 297 -33.24 19.99 -17.17
N GLY B 298 -32.28 19.13 -16.84
CA GLY B 298 -32.12 18.63 -15.50
C GLY B 298 -33.10 17.52 -15.20
N ALA B 299 -33.74 17.64 -14.04
CA ALA B 299 -34.69 16.63 -13.59
C ALA B 299 -36.00 16.70 -14.38
N GLU B 300 -36.09 17.64 -15.32
CA GLU B 300 -37.31 17.76 -16.12
C GLU B 300 -37.17 16.95 -17.40
N LEU B 301 -35.96 16.86 -17.93
CA LEU B 301 -35.70 15.90 -18.98
C LEU B 301 -35.88 14.48 -18.44
N GLN B 302 -35.36 14.24 -17.25
CA GLN B 302 -35.43 12.92 -16.63
C GLN B 302 -36.87 12.50 -16.35
N ARG B 303 -37.73 13.48 -16.09
CA ARG B 303 -39.13 13.18 -15.85
C ARG B 303 -39.85 12.92 -17.18
N ILE B 304 -39.40 13.58 -18.25
CA ILE B 304 -39.92 13.27 -19.58
C ILE B 304 -39.59 11.83 -19.96
N GLU B 305 -38.34 11.45 -19.75
CA GLU B 305 -37.89 10.09 -20.07
C GLU B 305 -38.70 9.07 -19.29
N ASP B 306 -38.92 9.34 -18.01
CA ASP B 306 -39.64 8.42 -17.16
C ASP B 306 -41.12 8.32 -17.58
N GLU B 307 -41.70 9.45 -17.95
CA GLU B 307 -43.08 9.49 -18.40
C GLU B 307 -43.25 8.71 -19.72
N TRP B 308 -42.32 8.92 -20.65
CA TRP B 308 -42.30 8.23 -21.92
C TRP B 308 -42.20 6.72 -21.73
N LEU B 309 -41.23 6.31 -20.92
CA LEU B 309 -40.98 4.89 -20.68
C LEU B 309 -42.19 4.22 -20.06
N ALA B 310 -42.85 4.94 -19.16
CA ALA B 310 -44.04 4.40 -18.50
C ALA B 310 -45.14 4.20 -19.52
N LYS B 311 -45.34 5.22 -20.36
CA LYS B 311 -46.36 5.19 -21.42
C LYS B 311 -46.14 4.07 -22.42
N ALA B 312 -44.87 3.69 -22.61
CA ALA B 312 -44.49 2.78 -23.68
C ALA B 312 -44.90 1.34 -23.39
N ASN B 313 -45.26 1.07 -22.14
CA ASN B 313 -45.57 -0.29 -21.69
C ASN B 313 -44.55 -1.29 -22.23
N LEU B 314 -43.35 -1.22 -21.68
CA LEU B 314 -42.24 -2.01 -22.16
C LEU B 314 -42.53 -3.50 -21.97
N SER B 315 -42.12 -4.32 -22.92
CA SER B 315 -42.25 -5.77 -22.75
C SER B 315 -41.38 -6.50 -23.76
N SER B 316 -41.18 -7.79 -23.52
CA SER B 316 -40.53 -8.67 -24.47
C SER B 316 -41.45 -8.93 -25.67
N PHE B 317 -40.87 -9.41 -26.75
CA PHE B 317 -41.67 -9.70 -27.94
C PHE B 317 -42.66 -10.84 -27.67
N ASP B 318 -42.21 -11.90 -27.03
CA ASP B 318 -43.07 -13.02 -26.67
C ASP B 318 -44.29 -12.60 -25.83
N ASP B 319 -44.10 -11.73 -24.83
CA ASP B 319 -45.25 -11.25 -24.06
C ASP B 319 -46.14 -10.37 -24.92
N ALA B 320 -45.52 -9.55 -25.76
CA ALA B 320 -46.26 -8.69 -26.68
C ALA B 320 -47.11 -9.52 -27.64
N VAL B 321 -46.60 -10.68 -28.05
CA VAL B 321 -47.34 -11.57 -28.91
C VAL B 321 -48.51 -12.20 -28.13
N ALA B 322 -48.25 -12.62 -26.90
CA ALA B 322 -49.29 -13.25 -26.09
C ALA B 322 -50.41 -12.26 -25.75
N ALA B 323 -50.04 -11.05 -25.39
CA ALA B 323 -51.05 -10.04 -25.07
C ALA B 323 -51.91 -9.73 -26.28
N ALA B 324 -51.29 -9.66 -27.47
CA ALA B 324 -52.00 -9.34 -28.70
C ALA B 324 -53.00 -10.45 -29.03
N ILE B 325 -52.59 -11.69 -28.78
CA ILE B 325 -53.46 -12.83 -28.93
C ILE B 325 -54.66 -12.75 -28.00
N ASP B 326 -54.41 -12.38 -26.74
CA ASP B 326 -55.46 -12.27 -25.72
C ASP B 326 -56.51 -11.21 -26.03
N ALA B 327 -56.17 -10.23 -26.86
CA ALA B 327 -57.03 -9.07 -27.05
C ALA B 327 -57.61 -8.96 -28.47
N GLY B 328 -57.07 -9.74 -29.41
CA GLY B 328 -57.48 -9.63 -30.80
C GLY B 328 -58.60 -10.57 -31.23
N SER B 329 -59.01 -10.47 -32.50
CA SER B 329 -59.98 -11.40 -33.06
C SER B 329 -59.28 -12.68 -33.48
N PHE B 330 -59.25 -13.65 -32.57
CA PHE B 330 -58.69 -14.96 -32.85
C PHE B 330 -59.56 -16.01 -32.17
N SER B 331 -59.62 -17.20 -32.75
CA SER B 331 -60.31 -18.33 -32.12
C SER B 331 -59.29 -19.36 -31.63
N ASP B 332 -59.62 -20.06 -30.55
CA ASP B 332 -58.68 -20.98 -29.91
C ASP B 332 -57.42 -20.21 -29.52
N LYS B 333 -57.57 -19.29 -28.58
CA LYS B 333 -56.49 -18.40 -28.20
C LYS B 333 -55.41 -19.13 -27.40
N ALA B 334 -55.81 -20.06 -26.54
CA ALA B 334 -54.82 -20.85 -25.81
C ALA B 334 -53.99 -21.69 -26.79
N GLY B 335 -54.64 -22.09 -27.89
CA GLY B 335 -53.99 -22.91 -28.90
C GLY B 335 -52.92 -22.19 -29.69
N ILE B 336 -53.22 -20.96 -30.13
CA ILE B 336 -52.26 -20.12 -30.85
C ILE B 336 -51.04 -19.79 -29.99
N LYS B 337 -51.29 -19.48 -28.72
CA LYS B 337 -50.22 -19.15 -27.78
C LYS B 337 -49.24 -20.30 -27.59
N GLN B 338 -49.76 -21.49 -27.32
CA GLN B 338 -48.91 -22.61 -26.98
C GLN B 338 -48.05 -23.03 -28.16
N GLU B 339 -48.57 -22.81 -29.37
CA GLU B 339 -47.80 -23.14 -30.56
C GLU B 339 -46.77 -22.05 -30.85
N TYR B 340 -47.11 -20.80 -30.52
CA TYR B 340 -46.14 -19.72 -30.70
C TYR B 340 -44.94 -19.97 -29.79
N THR B 341 -45.22 -20.37 -28.55
CA THR B 341 -44.19 -20.68 -27.59
C THR B 341 -43.35 -21.85 -28.07
N SER B 342 -44.04 -22.88 -28.53
CA SER B 342 -43.41 -24.07 -29.08
C SER B 342 -42.46 -23.78 -30.25
N ARG B 343 -42.74 -22.73 -31.01
CA ARG B 343 -42.01 -22.47 -32.25
C ARG B 343 -41.08 -21.25 -32.18
N ALA B 344 -41.28 -20.38 -31.20
CA ALA B 344 -40.60 -19.10 -31.21
C ALA B 344 -39.73 -18.84 -29.98
N LYS B 345 -40.03 -19.48 -28.86
CA LYS B 345 -39.29 -19.17 -27.64
C LYS B 345 -37.84 -19.64 -27.79
N GLY B 346 -36.89 -18.76 -27.43
CA GLY B 346 -35.47 -19.07 -27.54
C GLY B 346 -34.96 -18.92 -28.96
N LYS B 347 -35.78 -18.35 -29.83
CA LYS B 347 -35.35 -18.05 -31.18
C LYS B 347 -35.03 -16.57 -31.31
N SER B 348 -34.31 -16.22 -32.36
CA SER B 348 -34.06 -14.84 -32.68
C SER B 348 -35.36 -14.08 -32.88
N ASN B 349 -35.30 -12.76 -32.75
CA ASN B 349 -36.44 -11.90 -32.95
C ASN B 349 -36.94 -11.95 -34.40
N PHE B 350 -36.00 -12.05 -35.32
CA PHE B 350 -36.34 -12.09 -36.74
C PHE B 350 -37.16 -13.32 -37.07
N GLU B 351 -36.85 -14.43 -36.39
CA GLU B 351 -37.59 -15.65 -36.60
C GLU B 351 -38.85 -15.70 -35.75
N ALA B 352 -38.85 -14.99 -34.62
CA ALA B 352 -40.04 -14.97 -33.78
C ALA B 352 -41.09 -14.12 -34.48
N ARG B 353 -40.64 -13.10 -35.20
CA ARG B 353 -41.55 -12.23 -35.93
C ARG B 353 -42.21 -12.99 -37.08
N ALA B 354 -41.41 -13.73 -37.84
CA ALA B 354 -41.93 -14.54 -38.94
C ALA B 354 -42.96 -15.55 -38.42
N VAL B 355 -42.65 -16.17 -37.30
CA VAL B 355 -43.56 -17.13 -36.69
C VAL B 355 -44.87 -16.43 -36.37
N ALA B 356 -44.76 -15.31 -35.64
CA ALA B 356 -45.92 -14.56 -35.19
C ALA B 356 -46.80 -14.06 -36.34
N ARG B 357 -46.17 -13.62 -37.42
CA ARG B 357 -46.88 -13.16 -38.61
C ARG B 357 -47.68 -14.30 -39.24
N GLN B 358 -47.21 -15.52 -39.05
CA GLN B 358 -47.79 -16.58 -39.82
C GLN B 358 -48.91 -17.14 -38.92
N LEU B 359 -48.76 -17.04 -37.62
CA LEU B 359 -49.81 -17.48 -36.70
C LEU B 359 -50.94 -16.45 -36.49
N LEU B 360 -50.65 -15.19 -36.76
CA LEU B 360 -51.59 -14.13 -36.40
C LEU B 360 -52.15 -13.47 -37.64
N GLY B 361 -51.48 -13.67 -38.78
CA GLY B 361 -51.89 -13.08 -40.03
C GLY B 361 -51.47 -11.62 -40.17
N ARG B 362 -50.83 -11.08 -39.14
CA ARG B 362 -50.30 -9.73 -39.24
C ARG B 362 -49.05 -9.55 -38.37
N ASP B 363 -48.35 -8.45 -38.58
CA ASP B 363 -47.21 -8.06 -37.74
C ASP B 363 -47.64 -7.19 -36.58
N ILE B 364 -47.68 -7.73 -35.37
CA ILE B 364 -48.04 -6.89 -34.21
C ILE B 364 -47.02 -5.77 -34.06
N PHE B 365 -47.37 -4.76 -33.27
CA PHE B 365 -46.45 -3.65 -33.10
C PHE B 365 -45.47 -3.92 -31.94
N PHE B 366 -44.20 -3.81 -32.25
CA PHE B 366 -43.14 -4.00 -31.27
C PHE B 366 -41.91 -3.23 -31.73
N ASP B 367 -41.56 -2.16 -31.01
CA ASP B 367 -40.41 -1.34 -31.37
C ASP B 367 -39.38 -1.27 -30.23
N TRP B 368 -38.30 -2.01 -30.40
CA TRP B 368 -37.28 -2.10 -29.37
C TRP B 368 -36.16 -1.09 -29.63
N ASP B 369 -36.17 -0.42 -30.78
CA ASP B 369 -35.25 0.70 -31.07
C ASP B 369 -35.71 2.03 -30.45
N ALA B 370 -37.02 2.23 -30.40
CA ALA B 370 -37.59 3.46 -29.87
C ALA B 370 -37.22 3.78 -28.42
N PRO B 371 -37.15 2.77 -27.53
CA PRO B 371 -36.87 3.20 -26.15
C PRO B 371 -35.37 3.37 -25.84
N ARG B 372 -34.50 3.34 -26.85
CA ARG B 372 -33.06 3.41 -26.63
C ARG B 372 -32.58 4.72 -25.99
N THR B 373 -31.55 4.62 -25.16
CA THR B 373 -31.02 5.79 -24.46
C THR B 373 -30.27 6.73 -25.40
N ARG B 374 -29.85 7.86 -24.86
CA ARG B 374 -29.12 8.85 -25.62
C ARG B 374 -27.82 8.27 -26.19
N GLU B 375 -27.30 7.22 -25.55
CA GLU B 375 -26.08 6.55 -26.02
C GLU B 375 -26.41 5.42 -27.00
N GLY B 376 -27.68 5.08 -27.15
CA GLY B 376 -28.06 4.00 -28.05
C GLY B 376 -28.20 2.65 -27.36
N TYR B 377 -28.28 2.63 -26.03
CA TYR B 377 -28.42 1.40 -25.26
C TYR B 377 -29.89 0.93 -25.27
N PHE B 378 -30.07 -0.37 -25.46
CA PHE B 378 -31.36 -1.03 -25.44
C PHE B 378 -31.80 -1.28 -24.02
N ARG B 379 -33.10 -1.27 -23.79
CA ARG B 379 -33.64 -1.54 -22.46
C ARG B 379 -33.61 -3.05 -22.20
N LEU B 380 -33.14 -3.43 -21.01
CA LEU B 380 -32.97 -4.84 -20.66
C LEU B 380 -33.87 -5.25 -19.51
N LYS B 381 -34.48 -6.43 -19.64
CA LYS B 381 -35.29 -7.02 -18.57
C LYS B 381 -34.38 -7.84 -17.65
N GLY B 382 -33.63 -7.14 -16.80
CA GLY B 382 -32.73 -7.81 -15.87
C GLY B 382 -33.48 -8.55 -14.78
N GLY B 383 -32.76 -9.35 -14.02
CA GLY B 383 -33.33 -10.15 -12.96
C GLY B 383 -32.68 -11.52 -12.98
N CYS B 384 -33.11 -12.40 -12.09
CA CYS B 384 -32.47 -13.70 -11.91
C CYS B 384 -32.55 -14.59 -13.15
N ASP B 385 -33.69 -14.54 -13.84
CA ASP B 385 -33.86 -15.23 -15.13
C ASP B 385 -32.81 -14.83 -16.15
N CYS B 386 -32.60 -13.53 -16.31
CA CYS B 386 -31.60 -13.03 -17.26
C CYS B 386 -30.21 -13.54 -16.90
N ALA B 387 -29.89 -13.49 -15.61
CA ALA B 387 -28.60 -13.91 -15.12
C ALA B 387 -28.37 -15.40 -15.38
N VAL B 388 -29.42 -16.21 -15.16
CA VAL B 388 -29.29 -17.65 -15.37
C VAL B 388 -29.04 -17.95 -16.85
N ASN B 389 -29.75 -17.24 -17.71
CA ASN B 389 -29.61 -17.42 -19.16
C ASN B 389 -28.18 -17.12 -19.59
N ARG B 390 -27.60 -16.06 -19.02
CA ARG B 390 -26.22 -15.72 -19.33
C ARG B 390 -25.25 -16.74 -18.72
N ALA B 391 -25.46 -17.07 -17.44
CA ALA B 391 -24.62 -18.04 -16.74
C ALA B 391 -24.47 -19.37 -17.50
N ILE B 392 -25.60 -19.90 -17.97
CA ILE B 392 -25.61 -21.15 -18.72
C ILE B 392 -24.79 -21.05 -20.02
N ALA B 393 -24.84 -19.91 -20.69
CA ALA B 393 -24.04 -19.72 -21.90
C ALA B 393 -22.54 -19.56 -21.61
N TYR B 394 -22.20 -18.87 -20.51
CA TYR B 394 -20.79 -18.68 -20.10
C TYR B 394 -20.15 -19.99 -19.62
N ALA B 395 -20.97 -20.88 -19.07
CA ALA B 395 -20.50 -22.01 -18.26
C ALA B 395 -19.32 -22.79 -18.83
N PRO B 396 -19.37 -23.19 -20.11
CA PRO B 396 -18.24 -24.03 -20.52
C PRO B 396 -16.96 -23.25 -20.81
N TYR B 397 -16.99 -21.94 -20.61
CA TYR B 397 -15.82 -21.11 -20.87
C TYR B 397 -15.21 -20.53 -19.60
N CYS B 398 -15.71 -20.93 -18.43
CA CYS B 398 -15.18 -20.44 -17.16
C CYS B 398 -15.18 -21.52 -16.07
N ASP B 399 -14.34 -21.34 -15.05
CA ASP B 399 -14.21 -22.35 -13.99
C ASP B 399 -15.20 -22.14 -12.85
N ALA B 400 -15.73 -20.93 -12.74
CA ALA B 400 -16.75 -20.63 -11.74
C ALA B 400 -17.64 -19.52 -12.26
N ILE B 401 -18.83 -19.41 -11.69
CA ILE B 401 -19.79 -18.40 -12.14
C ILE B 401 -20.26 -17.60 -10.93
N TRP B 402 -20.51 -16.32 -11.14
CA TRP B 402 -20.87 -15.42 -10.07
C TRP B 402 -21.94 -14.45 -10.56
N MET B 403 -23.03 -14.36 -9.82
CA MET B 403 -24.06 -13.37 -10.11
C MET B 403 -24.07 -12.28 -9.07
N GLU B 404 -23.74 -11.05 -9.48
CA GLU B 404 -23.75 -9.93 -8.55
C GLU B 404 -25.10 -9.82 -7.89
N SER B 405 -25.07 -9.63 -6.58
CA SER B 405 -26.29 -9.62 -5.79
C SER B 405 -26.65 -8.24 -5.23
N LYS B 406 -27.92 -7.86 -5.36
CA LYS B 406 -28.41 -6.59 -4.81
C LYS B 406 -28.44 -6.61 -3.27
N LEU B 407 -28.91 -7.73 -2.70
CA LEU B 407 -28.96 -7.92 -1.26
C LEU B 407 -28.62 -9.38 -0.95
N PRO B 408 -28.23 -9.69 0.30
CA PRO B 408 -28.02 -11.13 0.55
C PRO B 408 -29.37 -11.84 0.72
N ASP B 409 -29.87 -12.32 -0.41
CA ASP B 409 -31.17 -12.98 -0.50
C ASP B 409 -30.96 -14.49 -0.71
N PHE B 410 -31.09 -15.28 0.34
CA PHE B 410 -30.79 -16.71 0.20
C PHE B 410 -31.69 -17.39 -0.83
N ALA B 411 -32.98 -17.07 -0.78
CA ALA B 411 -33.95 -17.61 -1.72
C ALA B 411 -33.50 -17.36 -3.17
N GLN B 412 -33.09 -16.13 -3.47
CA GLN B 412 -32.60 -15.82 -4.81
C GLN B 412 -31.30 -16.57 -5.15
N ALA B 413 -30.44 -16.74 -4.16
CA ALA B 413 -29.19 -17.45 -4.40
C ALA B 413 -29.46 -18.92 -4.73
N GLU B 414 -30.45 -19.50 -4.03
CA GLU B 414 -30.88 -20.87 -4.31
C GLU B 414 -31.42 -20.98 -5.76
N GLN B 415 -32.24 -20.02 -6.15
CA GLN B 415 -32.87 -19.99 -7.47
C GLN B 415 -31.83 -19.93 -8.60
N PHE B 416 -30.86 -19.02 -8.47
CA PHE B 416 -29.78 -18.93 -9.46
C PHE B 416 -28.98 -20.22 -9.52
N ALA B 417 -28.63 -20.76 -8.36
CA ALA B 417 -27.88 -22.02 -8.31
C ALA B 417 -28.64 -23.15 -8.99
N GLN B 418 -29.93 -23.29 -8.65
CA GLN B 418 -30.76 -24.33 -9.26
C GLN B 418 -30.84 -24.15 -10.77
N GLY B 419 -31.09 -22.92 -11.20
CA GLY B 419 -31.17 -22.58 -12.62
C GLY B 419 -29.92 -23.00 -13.37
N VAL B 420 -28.75 -22.69 -12.80
CA VAL B 420 -27.51 -23.07 -13.47
C VAL B 420 -27.29 -24.59 -13.43
N HIS B 421 -27.56 -25.18 -12.28
CA HIS B 421 -27.26 -26.59 -12.07
C HIS B 421 -28.20 -27.52 -12.85
N ALA B 422 -29.40 -27.04 -13.17
CA ALA B 422 -30.32 -27.81 -14.02
C ALA B 422 -29.68 -28.16 -15.36
N VAL B 423 -28.74 -27.34 -15.82
CA VAL B 423 -28.07 -27.59 -17.09
C VAL B 423 -26.62 -28.03 -16.88
N TRP B 424 -25.93 -27.40 -15.92
CA TRP B 424 -24.53 -27.73 -15.60
C TRP B 424 -24.40 -28.04 -14.12
N PRO B 425 -24.66 -29.30 -13.73
CA PRO B 425 -24.76 -29.62 -12.29
C PRO B 425 -23.42 -29.54 -11.55
N GLU B 426 -22.31 -29.51 -12.29
CA GLU B 426 -21.00 -29.43 -11.65
C GLU B 426 -20.44 -28.02 -11.58
N LYS B 427 -21.20 -27.03 -12.06
CA LYS B 427 -20.62 -25.68 -12.19
C LYS B 427 -20.34 -25.03 -10.85
N LYS B 428 -19.06 -24.81 -10.59
CA LYS B 428 -18.64 -24.10 -9.38
C LYS B 428 -19.24 -22.69 -9.41
N LEU B 429 -19.69 -22.23 -8.25
CA LEU B 429 -20.26 -20.91 -8.10
C LEU B 429 -19.44 -20.09 -7.12
N ALA B 430 -19.41 -18.78 -7.34
CA ALA B 430 -18.77 -17.84 -6.45
C ALA B 430 -19.84 -16.90 -5.91
N TYR B 431 -19.62 -16.29 -4.75
CA TYR B 431 -20.63 -15.41 -4.17
C TYR B 431 -20.03 -14.18 -3.48
N ASN B 432 -20.59 -13.02 -3.75
CA ASN B 432 -20.16 -11.78 -3.12
C ASN B 432 -20.93 -11.52 -1.84
N LEU B 433 -20.26 -11.68 -0.70
CA LEU B 433 -20.80 -11.28 0.60
C LEU B 433 -20.50 -9.81 0.78
N SER B 434 -21.41 -8.95 0.36
CA SER B 434 -21.03 -7.57 0.10
C SER B 434 -21.33 -6.69 1.30
N PRO B 435 -20.40 -5.78 1.63
CA PRO B 435 -20.51 -4.82 2.74
C PRO B 435 -21.46 -3.67 2.44
N SER B 436 -21.82 -3.51 1.17
CA SER B 436 -22.83 -2.56 0.76
C SER B 436 -24.21 -3.01 1.26
N PHE B 437 -24.26 -4.25 1.75
CA PHE B 437 -25.42 -4.78 2.47
C PHE B 437 -25.37 -4.28 3.91
N ASN B 438 -26.39 -4.60 4.70
CA ASN B 438 -26.43 -4.18 6.10
C ASN B 438 -26.68 -5.38 6.98
N TRP B 439 -25.63 -6.17 7.23
CA TRP B 439 -25.79 -7.45 7.92
C TRP B 439 -26.34 -7.30 9.34
N LYS B 440 -27.55 -6.74 9.42
CA LYS B 440 -28.18 -6.42 10.69
C LYS B 440 -29.67 -6.30 10.44
N THR B 441 -29.99 -5.53 9.41
CA THR B 441 -31.34 -5.35 8.93
C THR B 441 -31.68 -6.44 7.92
N ALA B 442 -30.64 -7.01 7.32
CA ALA B 442 -30.81 -8.09 6.36
C ALA B 442 -30.88 -9.45 7.06
N MET B 443 -30.47 -9.49 8.33
CA MET B 443 -30.26 -10.77 9.01
C MET B 443 -30.12 -10.68 10.53
N PRO B 444 -30.66 -11.70 11.24
CA PRO B 444 -30.37 -11.95 12.66
C PRO B 444 -29.03 -12.65 12.84
N ARG B 445 -28.54 -12.76 14.07
CA ARG B 445 -27.15 -13.16 14.28
C ARG B 445 -26.84 -14.61 13.96
N ASP B 446 -27.71 -15.55 14.32
CA ASP B 446 -27.39 -16.95 14.07
C ASP B 446 -27.48 -17.30 12.59
N GLU B 447 -28.32 -16.57 11.85
CA GLU B 447 -28.40 -16.77 10.41
C GLU B 447 -27.12 -16.24 9.76
N GLN B 448 -26.57 -15.16 10.33
CA GLN B 448 -25.35 -14.58 9.83
C GLN B 448 -24.21 -15.57 9.96
N GLU B 449 -24.16 -16.22 11.12
CA GLU B 449 -23.13 -17.19 11.44
C GLU B 449 -23.15 -18.40 10.52
N THR B 450 -24.30 -18.72 9.94
CA THR B 450 -24.42 -19.91 9.09
C THR B 450 -24.53 -19.58 7.59
N TYR B 451 -24.67 -18.30 7.27
CA TYR B 451 -24.94 -17.87 5.90
C TYR B 451 -23.95 -18.44 4.88
N ILE B 452 -22.66 -18.39 5.17
CA ILE B 452 -21.66 -18.88 4.21
C ILE B 452 -21.78 -20.40 4.03
N ARG B 453 -21.95 -21.09 5.15
CA ARG B 453 -22.09 -22.53 5.14
C ARG B 453 -23.33 -22.98 4.37
N ARG B 454 -24.47 -22.34 4.61
CA ARG B 454 -25.69 -22.68 3.86
C ARG B 454 -25.51 -22.46 2.36
N LEU B 455 -25.06 -21.27 1.99
CA LEU B 455 -24.72 -21.01 0.59
C LEU B 455 -23.78 -22.05 0.00
N ALA B 456 -22.83 -22.52 0.81
CA ALA B 456 -21.86 -23.50 0.30
C ALA B 456 -22.56 -24.78 -0.15
N LYS B 457 -23.61 -25.18 0.56
CA LYS B 457 -24.42 -26.34 0.19
C LYS B 457 -24.94 -26.30 -1.25
N LEU B 458 -25.27 -25.09 -1.71
CA LEU B 458 -25.78 -24.89 -3.08
C LEU B 458 -24.71 -24.96 -4.15
N GLY B 459 -23.44 -25.02 -3.75
CA GLY B 459 -22.34 -25.05 -4.72
C GLY B 459 -21.55 -23.73 -4.79
N TYR B 460 -21.86 -22.81 -3.87
CA TYR B 460 -21.06 -21.59 -3.77
C TYR B 460 -19.77 -21.89 -3.01
N CYS B 461 -18.74 -22.30 -3.73
CA CYS B 461 -17.55 -22.85 -3.11
C CYS B 461 -16.45 -21.82 -2.86
N TRP B 462 -16.60 -20.61 -3.39
CA TRP B 462 -15.66 -19.52 -3.12
C TRP B 462 -16.43 -18.24 -2.88
N GLN B 463 -16.27 -17.66 -1.68
CA GLN B 463 -17.06 -16.50 -1.26
C GLN B 463 -16.12 -15.41 -0.73
N PHE B 464 -16.55 -14.16 -0.70
CA PHE B 464 -15.62 -13.09 -0.32
C PHE B 464 -16.35 -11.81 0.04
N ILE B 465 -15.77 -11.05 0.97
CA ILE B 465 -16.26 -9.71 1.26
C ILE B 465 -15.36 -8.74 0.54
N THR B 466 -15.87 -8.16 -0.55
CA THR B 466 -15.06 -7.30 -1.40
C THR B 466 -14.30 -6.23 -0.62
N LEU B 467 -14.96 -5.55 0.31
CA LEU B 467 -14.36 -4.36 0.89
C LEU B 467 -13.97 -4.48 2.36
N ALA B 468 -13.84 -5.68 2.90
CA ALA B 468 -13.57 -5.78 4.33
C ALA B 468 -12.19 -5.20 4.69
N GLY B 469 -11.25 -5.24 3.74
CA GLY B 469 -9.93 -4.66 3.96
C GLY B 469 -10.01 -3.16 4.17
N LEU B 470 -10.73 -2.50 3.27
CA LEU B 470 -11.09 -1.10 3.41
C LEU B 470 -11.70 -0.77 4.78
N HIS B 471 -12.75 -1.50 5.14
CA HIS B 471 -13.52 -1.18 6.35
C HIS B 471 -12.79 -1.49 7.66
N THR B 472 -12.05 -2.59 7.70
CA THR B 472 -11.27 -2.86 8.92
C THR B 472 -10.22 -1.78 9.13
N THR B 473 -9.54 -1.40 8.06
CA THR B 473 -8.56 -0.32 8.14
C THR B 473 -9.21 1.01 8.53
N ALA B 474 -10.36 1.29 7.94
CA ALA B 474 -11.03 2.56 8.23
C ALA B 474 -11.37 2.61 9.69
N LEU B 475 -11.84 1.48 10.21
CA LEU B 475 -12.36 1.42 11.56
C LEU B 475 -11.24 1.57 12.59
N ILE B 476 -10.20 0.75 12.48
CA ILE B 476 -9.11 0.84 13.45
C ILE B 476 -8.42 2.22 13.37
N SER B 477 -8.35 2.79 12.18
CA SER B 477 -7.67 4.07 12.01
C SER B 477 -8.46 5.17 12.68
N ASP B 478 -9.78 5.13 12.55
CA ASP B 478 -10.61 6.14 13.18
C ASP B 478 -10.60 5.96 14.69
N GLN B 479 -10.66 4.72 15.16
CA GLN B 479 -10.61 4.47 16.59
C GLN B 479 -9.30 4.92 17.20
N PHE B 480 -8.18 4.55 16.56
CA PHE B 480 -6.90 4.86 17.16
C PHE B 480 -6.57 6.34 17.09
N ALA B 481 -6.67 6.93 15.91
CA ALA B 481 -6.40 8.36 15.76
C ALA B 481 -7.23 9.20 16.74
N LYS B 482 -8.52 8.89 16.86
CA LYS B 482 -9.38 9.59 17.81
C LYS B 482 -8.84 9.45 19.23
N ALA B 483 -8.61 8.23 19.67
CA ALA B 483 -8.15 7.99 21.03
C ALA B 483 -6.79 8.66 21.24
N TYR B 484 -5.93 8.51 20.24
CA TYR B 484 -4.59 9.05 20.27
C TYR B 484 -4.65 10.55 20.49
N SER B 485 -5.54 11.21 19.77
CA SER B 485 -5.68 12.65 19.90
C SER B 485 -6.33 13.06 21.22
N THR B 486 -6.85 12.10 22.00
CA THR B 486 -7.51 12.49 23.25
C THR B 486 -6.71 12.09 24.51
N VAL B 487 -6.15 10.88 24.55
CA VAL B 487 -5.38 10.47 25.72
C VAL B 487 -3.90 10.23 25.40
N GLY B 488 -3.47 10.68 24.23
CA GLY B 488 -2.08 10.56 23.82
C GLY B 488 -1.53 9.15 23.75
N MET B 489 -0.33 8.96 24.28
CA MET B 489 0.41 7.72 24.08
C MET B 489 -0.25 6.52 24.75
N ARG B 490 -1.11 6.80 25.74
CA ARG B 490 -1.84 5.76 26.46
C ARG B 490 -2.67 4.92 25.51
N ALA B 491 -3.27 5.59 24.52
CA ALA B 491 -4.07 4.93 23.50
C ALA B 491 -3.28 3.85 22.74
N TYR B 492 -1.99 4.08 22.55
CA TYR B 492 -1.19 3.12 21.79
C TYR B 492 -1.01 1.83 22.59
N GLY B 493 -0.63 1.98 23.85
CA GLY B 493 -0.49 0.84 24.74
C GLY B 493 -1.81 0.10 24.85
N GLU B 494 -2.86 0.85 25.16
CA GLU B 494 -4.15 0.26 25.47
C GLU B 494 -4.87 -0.35 24.26
N LEU B 495 -4.89 0.35 23.14
CA LEU B 495 -5.68 -0.09 21.99
C LEU B 495 -4.89 -0.89 20.95
N VAL B 496 -3.55 -0.86 21.03
CA VAL B 496 -2.74 -1.50 19.99
C VAL B 496 -1.71 -2.50 20.52
N GLN B 497 -0.71 -2.00 21.26
CA GLN B 497 0.44 -2.84 21.63
C GLN B 497 0.12 -3.94 22.64
N GLU B 498 -0.60 -3.61 23.70
CA GLU B 498 -0.95 -4.64 24.68
C GLU B 498 -1.90 -5.70 24.09
N PRO B 499 -2.92 -5.31 23.29
CA PRO B 499 -3.70 -6.38 22.66
C PRO B 499 -2.87 -7.23 21.68
N GLU B 500 -1.96 -6.62 20.93
CA GLU B 500 -1.02 -7.39 20.10
C GLU B 500 -0.27 -8.45 20.91
N MET B 501 0.26 -8.03 22.06
CA MET B 501 0.96 -8.93 22.97
C MET B 501 0.05 -10.06 23.48
N ASP B 502 -1.10 -9.70 24.05
CA ASP B 502 -2.03 -10.70 24.60
C ASP B 502 -2.54 -11.71 23.56
N GLN B 503 -2.70 -11.26 22.32
CA GLN B 503 -3.21 -12.14 21.27
C GLN B 503 -2.08 -12.75 20.46
N LYS B 504 -0.85 -12.51 20.92
CA LYS B 504 0.35 -13.05 20.28
C LYS B 504 0.36 -12.77 18.76
N VAL B 505 0.11 -11.53 18.40
CA VAL B 505 0.20 -11.10 17.03
C VAL B 505 1.67 -11.01 16.62
N ASP B 506 2.05 -11.96 15.77
CA ASP B 506 3.15 -11.86 14.79
C ASP B 506 3.93 -10.54 14.81
N VAL B 507 3.23 -9.50 14.37
CA VAL B 507 3.86 -8.24 14.00
C VAL B 507 4.37 -7.45 15.20
N VAL B 508 3.97 -7.79 16.44
CA VAL B 508 4.35 -6.96 17.59
C VAL B 508 5.89 -6.91 17.74
N LYS B 509 6.55 -8.03 17.43
CA LYS B 509 7.99 -8.07 17.28
C LYS B 509 8.31 -7.76 15.83
N HIS B 510 8.23 -6.48 15.48
CA HIS B 510 8.19 -6.10 14.08
C HIS B 510 9.51 -6.24 13.31
N GLN B 511 10.66 -6.27 14.00
CA GLN B 511 11.92 -6.46 13.29
C GLN B 511 11.99 -7.90 12.83
N LYS B 512 11.70 -8.83 13.75
CA LYS B 512 11.72 -10.26 13.42
C LYS B 512 10.70 -10.54 12.32
N TRP B 513 9.49 -10.01 12.51
CA TRP B 513 8.42 -10.25 11.56
C TRP B 513 8.78 -9.76 10.17
N SER B 514 9.49 -8.63 10.09
CA SER B 514 9.87 -8.02 8.83
C SER B 514 11.06 -8.70 8.16
N GLY B 515 11.65 -9.68 8.85
CA GLY B 515 12.77 -10.42 8.30
C GLY B 515 14.17 -9.93 8.66
N ALA B 516 14.27 -9.15 9.74
CA ALA B 516 15.57 -8.63 10.19
C ALA B 516 16.56 -9.79 10.39
N THR B 517 16.13 -10.84 11.09
CA THR B 517 16.98 -12.03 11.26
C THR B 517 17.26 -12.68 9.92
N TYR B 518 16.23 -12.80 9.08
CA TYR B 518 16.40 -13.44 7.79
C TYR B 518 17.56 -12.76 7.04
N VAL B 519 17.54 -11.44 6.96
CA VAL B 519 18.57 -10.74 6.20
C VAL B 519 19.94 -10.69 6.90
N ASP B 520 20.00 -10.64 8.24
CA ASP B 520 21.30 -10.75 8.93
C ASP B 520 21.98 -12.05 8.52
N GLU B 521 21.22 -13.13 8.56
CA GLU B 521 21.75 -14.43 8.23
C GLU B 521 22.24 -14.45 6.76
N LEU B 522 21.54 -13.73 5.88
CA LEU B 522 21.94 -13.62 4.48
C LEU B 522 23.31 -12.98 4.37
N GLN B 523 23.47 -11.85 5.03
CA GLN B 523 24.70 -11.10 4.89
C GLN B 523 25.87 -11.85 5.53
N LYS B 524 25.62 -12.53 6.64
CA LYS B 524 26.67 -13.32 7.28
C LYS B 524 27.16 -14.44 6.38
N MET B 525 26.23 -15.04 5.63
CA MET B 525 26.55 -16.08 4.65
C MET B 525 27.59 -15.60 3.61
N VAL B 526 27.51 -14.34 3.22
CA VAL B 526 28.45 -13.87 2.22
C VAL B 526 29.74 -13.33 2.86
N THR B 527 29.70 -13.01 4.15
CA THR B 527 30.87 -12.41 4.78
C THR B 527 31.45 -13.27 5.93
N GLY B 528 31.68 -14.56 5.66
CA GLY B 528 32.47 -15.41 6.54
C GLY B 528 31.80 -15.83 7.84
N GLY B 529 30.49 -15.63 7.95
CA GLY B 529 29.74 -16.20 9.05
C GLY B 529 29.60 -15.27 10.23
N ILE B 530 30.10 -14.05 10.08
CA ILE B 530 29.96 -13.03 11.09
C ILE B 530 29.70 -11.70 10.41
N SER B 531 29.20 -10.74 11.16
CA SER B 531 29.06 -9.38 10.67
C SER B 531 29.18 -8.39 11.83
N SER B 532 29.97 -7.34 11.65
CA SER B 532 30.07 -6.26 12.64
C SER B 532 28.78 -5.41 12.71
N THR B 533 27.98 -5.45 11.64
CA THR B 533 26.79 -4.58 11.54
C THR B 533 25.45 -5.35 11.51
N ALA B 534 25.40 -6.49 12.19
CA ALA B 534 24.17 -7.28 12.27
C ALA B 534 23.05 -6.50 12.98
N ALA B 535 21.92 -6.37 12.30
CA ALA B 535 20.79 -5.60 12.81
C ALA B 535 20.21 -6.17 14.10
N MET B 536 20.17 -7.50 14.20
CA MET B 536 19.58 -8.16 15.37
C MET B 536 20.59 -8.58 16.44
N GLY B 537 21.81 -8.05 16.37
CA GLY B 537 22.79 -8.36 17.40
C GLY B 537 22.61 -7.48 18.62
N ALA B 538 23.59 -7.53 19.51
CA ALA B 538 23.84 -6.50 20.51
C ALA B 538 22.58 -6.01 21.19
N GLY B 539 22.32 -4.71 21.05
CA GLY B 539 21.20 -4.09 21.72
C GLY B 539 20.01 -3.67 20.88
N VAL B 540 19.52 -4.56 20.01
CA VAL B 540 18.14 -4.40 19.51
C VAL B 540 17.20 -4.30 20.67
N THR B 541 16.25 -3.37 20.56
CA THR B 541 15.29 -3.15 21.63
C THR B 541 14.14 -4.14 21.56
N GLU B 542 14.17 -5.05 20.58
CA GLU B 542 13.17 -6.12 20.55
C GLU B 542 13.34 -7.12 21.69
N ASP B 543 14.48 -7.06 22.38
CA ASP B 543 14.66 -7.87 23.58
C ASP B 543 13.69 -7.40 24.70
N GLN B 544 13.02 -6.28 24.49
CA GLN B 544 11.99 -5.81 25.43
C GLN B 544 10.66 -6.56 25.26
N PHE B 545 10.61 -7.46 24.27
CA PHE B 545 9.39 -8.21 23.97
C PHE B 545 9.60 -9.71 24.15
N LYS B 546 8.77 -10.33 24.97
CA LYS B 546 8.78 -11.80 25.14
C LYS B 546 7.74 -12.45 24.24
#